data_6JJM
#
_entry.id   6JJM
#
_cell.length_a   137.257
_cell.length_b   137.257
_cell.length_c   178.009
_cell.angle_alpha   90.00
_cell.angle_beta   90.00
_cell.angle_gamma   120.00
#
_symmetry.space_group_name_H-M   'P 61'
#
loop_
_entity.id
_entity.type
_entity.pdbx_description
1 polymer 'HN protein'
2 branched 2-acetamido-2-deoxy-beta-D-glucopyranose-(1-4)-2-acetamido-2-deoxy-beta-D-glucopyranose
3 branched 'N-acetyl-alpha-neuraminic acid-(2-3)-[2-acetamido-2-deoxy-beta-D-glucopyranose-(1-4)]beta-D-galactopyranose-(1-4)-beta-D-glucopyranose'
4 non-polymer 2-acetamido-2-deoxy-beta-D-glucopyranose
5 non-polymer 'SULFATE ION'
6 water water
#
_entity_poly.entity_id   1
_entity_poly.type   'polypeptide(L)'
_entity_poly.pdbx_seq_one_letter_code
;ETGGNQNQLLSTLATIRTGKKQVSNCSTNIPLVNDLRFINGINKFIIEDYATHDFSIGHPLNMPSFIPTATSPNGCTRIP
SFSLGKTHWCYTHNVINANCKDHTSSNQYISMGILVQTASGYPMFKTLKIQYLSDGLNRKSCSIATVPDGCAMYCYVSTQ
LETDDYAGSSPPTQKLTLLFYNDTVTERTISPTGLEGNWATLVPGVGSGIYFENKLIFPAYGGVLPNSTLGVKSAREFFR
PVNPYNPCSGPQQDLDQRALRSYFPSYFSNRRVQSAFLVCAWNQILVTNCELVVPSNNQTLMGAEGRVLLINNRLLYYQR
STSWWPYELLYEISFTFTNSGQSSVNMSWIPIYSFTRPGSGNCSGENVCPTACVSGVYLDPWPLTPYSHQSGINRNFYFT
GALLNSSTTRVNPTLYVSALNNLKVLAPYGNQGLFASYTTTTCFQDTGDASVYCVYIMELASNIVGEFQILPVLTRLTIT
GTKHHHHHH
;
_entity_poly.pdbx_strand_id   A,B
#
loop_
_chem_comp.id
_chem_comp.type
_chem_comp.name
_chem_comp.formula
BGC D-saccharide, beta linking beta-D-glucopyranose 'C6 H12 O6'
GAL D-saccharide, beta linking beta-D-galactopyranose 'C6 H12 O6'
NAG D-saccharide, beta linking 2-acetamido-2-deoxy-beta-D-glucopyranose 'C8 H15 N O6'
SIA D-saccharide, alpha linking 'N-acetyl-alpha-neuraminic acid' 'C11 H19 N O9'
SO4 non-polymer 'SULFATE ION' 'O4 S -2'
#
# COMPACT_ATOMS: atom_id res chain seq x y z
N ILE A 30 -1.41 -17.52 15.11
CA ILE A 30 -2.58 -16.95 14.45
C ILE A 30 -3.02 -17.85 13.30
N PRO A 31 -4.21 -18.44 13.43
CA PRO A 31 -4.71 -19.30 12.36
C PRO A 31 -5.11 -18.50 11.12
N LEU A 32 -5.01 -19.17 9.97
CA LEU A 32 -5.39 -18.58 8.69
C LEU A 32 -6.91 -18.73 8.51
N VAL A 33 -7.64 -18.01 9.35
CA VAL A 33 -9.09 -18.14 9.41
C VAL A 33 -9.73 -16.75 9.50
N ASN A 34 -10.60 -16.43 8.55
CA ASN A 34 -11.41 -15.23 8.63
C ASN A 34 -12.19 -15.19 9.95
N ASP A 35 -12.50 -13.97 10.38
CA ASP A 35 -13.48 -13.78 11.45
C ASP A 35 -14.73 -14.61 11.15
N LEU A 36 -15.24 -15.28 12.19
CA LEU A 36 -16.31 -16.26 12.03
C LEU A 36 -17.58 -15.68 11.42
N ARG A 37 -17.81 -14.37 11.53
CA ARG A 37 -19.04 -13.80 11.01
C ARG A 37 -19.05 -13.69 9.49
N PHE A 38 -17.94 -14.02 8.82
CA PHE A 38 -17.88 -13.99 7.37
C PHE A 38 -17.78 -15.36 6.73
N ILE A 39 -17.45 -16.40 7.52
CA ILE A 39 -17.13 -17.70 6.94
C ILE A 39 -18.33 -18.28 6.19
N ASN A 40 -19.53 -18.15 6.76
CA ASN A 40 -20.72 -18.64 6.10
C ASN A 40 -21.40 -17.58 5.25
N GLY A 41 -20.74 -16.47 4.97
CA GLY A 41 -21.29 -15.46 4.10
C GLY A 41 -20.46 -15.24 2.84
N ILE A 42 -19.57 -16.19 2.54
CA ILE A 42 -18.64 -16.09 1.43
C ILE A 42 -19.05 -17.11 0.36
N ASN A 43 -18.95 -16.69 -0.91
CA ASN A 43 -19.33 -17.54 -2.05
C ASN A 43 -20.77 -18.01 -1.93
N LYS A 44 -21.65 -17.10 -1.52
CA LYS A 44 -23.07 -17.35 -1.44
C LYS A 44 -23.81 -16.40 -2.37
N PHE A 45 -24.96 -16.84 -2.87
CA PHE A 45 -25.88 -15.95 -3.55
C PHE A 45 -26.58 -15.09 -2.49
N ILE A 46 -26.35 -13.78 -2.54
CA ILE A 46 -26.85 -12.90 -1.48
C ILE A 46 -28.35 -12.66 -1.61
N ILE A 47 -28.88 -12.64 -2.83
CA ILE A 47 -30.29 -12.43 -3.06
C ILE A 47 -30.85 -13.69 -3.71
N GLU A 48 -31.70 -14.39 -2.98
CA GLU A 48 -32.31 -15.63 -3.45
C GLU A 48 -33.83 -15.51 -3.56
N ASP A 49 -34.35 -14.28 -3.66
CA ASP A 49 -35.78 -14.05 -3.74
C ASP A 49 -36.35 -14.33 -5.11
N TYR A 50 -35.53 -14.29 -6.16
CA TYR A 50 -36.00 -14.24 -7.54
C TYR A 50 -36.93 -13.05 -7.77
N ALA A 51 -36.89 -12.07 -6.88
CA ALA A 51 -37.76 -10.91 -6.90
C ALA A 51 -36.98 -9.66 -7.33
N THR A 52 -37.73 -8.61 -7.62
CA THR A 52 -37.13 -7.33 -8.00
C THR A 52 -36.61 -6.60 -6.77
N HIS A 53 -35.54 -5.84 -6.97
CA HIS A 53 -34.90 -5.13 -5.88
C HIS A 53 -34.34 -3.80 -6.36
N ASP A 54 -34.24 -2.85 -5.43
CA ASP A 54 -33.52 -1.60 -5.64
C ASP A 54 -32.24 -1.62 -4.81
N PHE A 55 -31.25 -0.85 -5.27
CA PHE A 55 -29.91 -0.95 -4.71
C PHE A 55 -29.35 0.43 -4.44
N SER A 56 -28.55 0.52 -3.39
CA SER A 56 -27.76 1.71 -3.06
C SER A 56 -26.35 1.27 -2.71
N ILE A 57 -25.36 1.85 -3.38
CA ILE A 57 -23.96 1.55 -3.12
C ILE A 57 -23.44 2.57 -2.12
N GLY A 58 -22.91 2.08 -0.99
CA GLY A 58 -22.43 2.96 0.04
C GLY A 58 -21.08 3.61 -0.29
N HIS A 59 -20.72 4.59 0.53
CA HIS A 59 -19.45 5.29 0.35
C HIS A 59 -18.28 4.36 0.66
N PRO A 60 -17.12 4.61 0.06
CA PRO A 60 -15.94 3.80 0.36
C PRO A 60 -15.62 3.83 1.85
N LEU A 61 -15.37 2.64 2.41
CA LEU A 61 -15.04 2.50 3.82
C LEU A 61 -13.53 2.49 3.99
N ASN A 62 -13.02 3.31 4.89
CA ASN A 62 -11.59 3.56 4.96
C ASN A 62 -10.89 2.53 5.84
N MET A 63 -9.72 2.10 5.36
CA MET A 63 -8.86 1.15 6.05
C MET A 63 -7.48 1.23 5.41
N PRO A 64 -6.46 0.64 6.03
CA PRO A 64 -5.17 0.51 5.34
C PRO A 64 -5.27 -0.49 4.21
N SER A 65 -5.05 -0.02 2.97
CA SER A 65 -5.15 -0.88 1.80
C SER A 65 -4.22 -2.08 1.91
N PHE A 66 -4.74 -3.26 1.55
CA PHE A 66 -3.91 -4.45 1.53
C PHE A 66 -3.12 -4.60 0.24
N ILE A 67 -3.30 -3.71 -0.72
CA ILE A 67 -2.66 -3.80 -2.03
C ILE A 67 -1.60 -2.72 -2.12
N PRO A 68 -0.32 -3.08 -2.24
CA PRO A 68 0.74 -2.05 -2.25
C PRO A 68 0.78 -1.34 -3.59
N THR A 69 1.09 -0.04 -3.53
CA THR A 69 1.34 0.74 -4.73
C THR A 69 2.80 0.62 -5.14
N ALA A 70 3.12 1.20 -6.30
CA ALA A 70 4.52 1.38 -6.66
C ALA A 70 5.17 2.38 -5.70
N THR A 71 6.50 2.44 -5.74
CA THR A 71 7.26 3.41 -4.97
C THR A 71 7.98 4.41 -5.85
N SER A 72 7.59 4.49 -7.12
CA SER A 72 8.20 5.39 -8.08
C SER A 72 7.10 5.99 -8.96
N PRO A 73 7.32 7.19 -9.50
CA PRO A 73 6.27 7.82 -10.31
C PRO A 73 6.03 7.15 -11.65
N ASN A 74 6.99 6.36 -12.15
CA ASN A 74 6.90 5.80 -13.49
C ASN A 74 7.15 4.30 -13.49
N GLY A 75 6.96 3.62 -12.37
CA GLY A 75 7.01 2.17 -12.33
C GLY A 75 5.63 1.57 -12.58
N CYS A 76 5.62 0.39 -13.21
CA CYS A 76 4.39 -0.24 -13.61
C CYS A 76 3.92 -1.22 -12.54
N THR A 77 2.64 -1.10 -12.16
CA THR A 77 2.01 -2.00 -11.20
C THR A 77 0.64 -2.35 -11.76
N ARG A 78 0.46 -3.60 -12.20
CA ARG A 78 -0.75 -3.92 -12.97
C ARG A 78 -1.18 -5.36 -12.74
N ILE A 79 -2.34 -5.69 -13.34
CA ILE A 79 -2.90 -7.03 -13.51
C ILE A 79 -3.25 -7.67 -12.17
N PRO A 80 -4.28 -7.20 -11.48
CA PRO A 80 -4.66 -7.82 -10.20
C PRO A 80 -5.45 -9.11 -10.39
N SER A 81 -5.22 -10.04 -9.47
CA SER A 81 -6.01 -11.26 -9.36
C SER A 81 -6.33 -11.47 -7.89
N PHE A 82 -7.62 -11.69 -7.58
CA PHE A 82 -8.04 -11.74 -6.19
C PHE A 82 -9.09 -12.82 -5.98
N SER A 83 -8.93 -13.60 -4.91
CA SER A 83 -9.92 -14.60 -4.51
C SER A 83 -10.14 -14.52 -3.01
N LEU A 84 -11.41 -14.40 -2.60
CA LEU A 84 -11.78 -14.50 -1.20
C LEU A 84 -12.36 -15.89 -0.97
N GLY A 85 -11.59 -16.74 -0.29
CA GLY A 85 -12.07 -18.05 0.12
C GLY A 85 -12.75 -18.00 1.47
N LYS A 86 -13.30 -19.17 1.86
CA LYS A 86 -14.10 -19.27 3.07
C LYS A 86 -13.28 -18.93 4.31
N THR A 87 -12.01 -19.32 4.35
CA THR A 87 -11.17 -19.09 5.51
C THR A 87 -10.13 -18.00 5.32
N HIS A 88 -9.79 -17.66 4.08
CA HIS A 88 -8.76 -16.65 3.84
C HIS A 88 -8.85 -16.19 2.40
N TRP A 89 -8.19 -15.07 2.11
CA TRP A 89 -8.09 -14.55 0.74
C TRP A 89 -6.67 -14.66 0.22
N CYS A 90 -6.56 -14.63 -1.12
CA CYS A 90 -5.30 -14.67 -1.85
C CYS A 90 -5.28 -13.56 -2.88
N TYR A 91 -4.12 -12.94 -3.11
CA TYR A 91 -4.02 -11.80 -4.01
C TYR A 91 -2.68 -11.80 -4.72
N THR A 92 -2.67 -11.26 -5.95
CA THR A 92 -1.40 -11.08 -6.65
C THR A 92 -1.53 -10.00 -7.71
N HIS A 93 -0.41 -9.33 -8.01
CA HIS A 93 -0.32 -8.43 -9.16
C HIS A 93 1.14 -8.30 -9.58
N ASN A 94 1.35 -7.67 -10.73
CA ASN A 94 2.66 -7.62 -11.39
C ASN A 94 3.32 -6.27 -11.17
N VAL A 95 4.63 -6.29 -10.98
CA VAL A 95 5.41 -5.08 -10.70
C VAL A 95 6.58 -5.04 -11.67
N ILE A 96 6.69 -3.94 -12.41
CA ILE A 96 7.78 -3.73 -13.36
C ILE A 96 8.52 -2.45 -12.96
N ASN A 97 9.85 -2.52 -12.95
CA ASN A 97 10.64 -1.36 -12.56
C ASN A 97 10.53 -0.24 -13.58
N ALA A 98 10.35 -0.60 -14.85
CA ALA A 98 10.14 0.36 -15.92
C ALA A 98 8.65 0.47 -16.24
N ASN A 99 8.32 1.19 -17.30
CA ASN A 99 6.94 1.36 -17.74
C ASN A 99 6.30 0.01 -18.07
N CYS A 100 4.97 0.02 -18.15
CA CYS A 100 4.21 -1.21 -18.40
C CYS A 100 4.59 -1.85 -19.73
N LYS A 101 4.77 -1.05 -20.77
CA LYS A 101 4.98 -1.59 -22.11
C LYS A 101 6.32 -2.31 -22.23
N ASP A 102 7.35 -1.82 -21.54
CA ASP A 102 8.62 -2.53 -21.50
C ASP A 102 8.46 -3.88 -20.82
N HIS A 103 9.25 -4.87 -21.27
CA HIS A 103 9.05 -6.23 -20.82
C HIS A 103 10.33 -6.98 -20.49
N THR A 104 11.44 -6.28 -20.21
CA THR A 104 12.67 -6.99 -19.84
C THR A 104 12.49 -7.74 -18.53
N SER A 105 12.06 -7.05 -17.48
CA SER A 105 11.97 -7.62 -16.15
C SER A 105 10.60 -7.35 -15.57
N SER A 106 10.16 -8.25 -14.70
CA SER A 106 8.95 -8.03 -13.92
C SER A 106 9.06 -8.85 -12.65
N ASN A 107 8.23 -8.50 -11.68
CA ASN A 107 8.16 -9.17 -10.40
C ASN A 107 6.68 -9.38 -10.06
N GLN A 108 6.40 -10.35 -9.21
CA GLN A 108 5.04 -10.73 -8.89
C GLN A 108 4.85 -10.66 -7.38
N TYR A 109 4.02 -9.73 -6.92
CA TYR A 109 3.67 -9.63 -5.51
C TYR A 109 2.52 -10.58 -5.21
N ILE A 110 2.69 -11.41 -4.18
CA ILE A 110 1.67 -12.37 -3.77
C ILE A 110 1.44 -12.20 -2.28
N SER A 111 0.17 -12.21 -1.87
CA SER A 111 -0.15 -12.11 -0.45
C SER A 111 -1.38 -12.95 -0.15
N MET A 112 -1.50 -13.31 1.13
CA MET A 112 -2.66 -14.02 1.64
C MET A 112 -2.99 -13.42 3.01
N GLY A 113 -4.26 -13.50 3.39
CA GLY A 113 -4.65 -12.92 4.66
C GLY A 113 -6.08 -13.27 5.00
N ILE A 114 -6.62 -12.53 5.98
CA ILE A 114 -7.94 -12.82 6.54
C ILE A 114 -8.76 -11.54 6.64
N LEU A 115 -10.04 -11.72 6.87
CA LEU A 115 -10.96 -10.62 7.18
C LEU A 115 -11.04 -10.45 8.69
N VAL A 116 -10.84 -9.21 9.16
CA VAL A 116 -10.90 -8.88 10.58
C VAL A 116 -11.83 -7.68 10.76
N GLN A 117 -12.79 -7.80 11.67
CA GLN A 117 -13.70 -6.70 11.93
C GLN A 117 -13.00 -5.61 12.73
N THR A 118 -13.18 -4.36 12.32
CA THR A 118 -12.62 -3.22 13.02
C THR A 118 -13.66 -2.56 13.90
N ALA A 119 -13.20 -1.69 14.80
CA ALA A 119 -14.11 -0.92 15.62
C ALA A 119 -14.87 0.13 14.82
N SER A 120 -14.47 0.38 13.57
CA SER A 120 -15.22 1.28 12.70
C SER A 120 -16.53 0.69 12.23
N GLY A 121 -16.77 -0.60 12.47
CA GLY A 121 -18.02 -1.23 12.11
C GLY A 121 -18.00 -2.03 10.83
N TYR A 122 -16.83 -2.22 10.23
CA TYR A 122 -16.70 -2.98 8.99
C TYR A 122 -15.36 -3.69 9.02
N PRO A 123 -15.19 -4.74 8.22
CA PRO A 123 -13.93 -5.48 8.24
C PRO A 123 -12.83 -4.80 7.43
N MET A 124 -11.61 -5.23 7.68
CA MET A 124 -10.46 -4.87 6.87
C MET A 124 -9.75 -6.15 6.44
N PHE A 125 -8.98 -6.06 5.37
CA PHE A 125 -8.21 -7.18 4.85
C PHE A 125 -6.84 -7.16 5.51
N LYS A 126 -6.56 -8.13 6.38
CA LYS A 126 -5.32 -8.18 7.15
C LYS A 126 -4.36 -9.16 6.47
N THR A 127 -3.28 -8.62 5.91
CA THR A 127 -2.26 -9.44 5.27
C THR A 127 -1.50 -10.25 6.31
N LEU A 128 -1.41 -11.57 6.11
CA LEU A 128 -0.69 -12.44 7.02
C LEU A 128 0.60 -13.00 6.43
N LYS A 129 0.71 -13.11 5.10
CA LYS A 129 1.92 -13.60 4.46
C LYS A 129 2.13 -12.84 3.16
N ILE A 130 3.39 -12.56 2.84
CA ILE A 130 3.77 -11.88 1.61
C ILE A 130 4.86 -12.69 0.93
N GLN A 131 4.74 -12.85 -0.39
CA GLN A 131 5.80 -13.39 -1.21
C GLN A 131 5.99 -12.46 -2.40
N TYR A 132 7.22 -12.03 -2.63
CA TYR A 132 7.57 -11.16 -3.75
C TYR A 132 8.50 -11.95 -4.67
N LEU A 133 7.94 -12.57 -5.71
CA LEU A 133 8.73 -13.36 -6.64
C LEU A 133 9.54 -12.42 -7.52
N SER A 134 10.86 -12.38 -7.27
CA SER A 134 11.77 -11.43 -7.93
C SER A 134 13.05 -12.18 -8.24
N ASP A 135 13.04 -12.93 -9.35
CA ASP A 135 14.19 -13.77 -9.71
C ASP A 135 14.57 -13.64 -11.18
N GLY A 136 14.11 -12.59 -11.86
CA GLY A 136 14.43 -12.38 -13.26
C GLY A 136 13.54 -13.10 -14.25
N LEU A 137 12.65 -13.98 -13.79
CA LEU A 137 11.67 -14.61 -14.67
C LEU A 137 10.44 -13.72 -14.80
N ASN A 138 10.06 -13.41 -16.03
CA ASN A 138 8.93 -12.53 -16.30
C ASN A 138 7.62 -13.33 -16.30
N ARG A 139 7.20 -13.70 -15.09
CA ARG A 139 5.89 -14.30 -14.91
C ARG A 139 4.80 -13.27 -15.21
N LYS A 140 3.84 -13.66 -16.06
CA LYS A 140 2.90 -12.70 -16.62
C LYS A 140 1.50 -13.29 -16.67
N SER A 141 0.50 -12.41 -16.61
CA SER A 141 -0.92 -12.75 -16.69
C SER A 141 -1.34 -13.71 -15.57
N CYS A 142 -0.68 -13.61 -14.42
CA CYS A 142 -0.85 -14.61 -13.37
C CYS A 142 -2.26 -14.59 -12.79
N SER A 143 -2.82 -15.77 -12.59
CA SER A 143 -4.11 -15.96 -11.96
C SER A 143 -3.92 -16.67 -10.62
N ILE A 144 -4.61 -16.20 -9.59
CA ILE A 144 -4.44 -16.72 -8.24
C ILE A 144 -5.67 -17.52 -7.85
N ALA A 145 -5.48 -18.47 -6.94
CA ALA A 145 -6.59 -19.25 -6.40
C ALA A 145 -6.33 -19.53 -4.93
N THR A 146 -7.41 -19.54 -4.14
CA THR A 146 -7.34 -19.87 -2.73
C THR A 146 -7.43 -21.38 -2.57
N VAL A 147 -6.44 -21.96 -1.90
CA VAL A 147 -6.35 -23.41 -1.73
C VAL A 147 -6.15 -23.70 -0.24
N PRO A 148 -6.31 -24.95 0.22
CA PRO A 148 -6.06 -25.25 1.64
C PRO A 148 -4.70 -24.78 2.12
N ASP A 149 -4.70 -23.97 3.18
CA ASP A 149 -3.51 -23.49 3.86
C ASP A 149 -2.66 -22.53 3.03
N GLY A 150 -3.20 -21.92 1.98
CA GLY A 150 -2.39 -21.00 1.20
C GLY A 150 -3.03 -20.62 -0.13
N CYS A 151 -2.16 -20.42 -1.13
CA CYS A 151 -2.57 -19.95 -2.44
C CYS A 151 -1.87 -20.78 -3.52
N ALA A 152 -2.50 -20.81 -4.69
CA ALA A 152 -1.93 -21.41 -5.89
C ALA A 152 -1.99 -20.38 -7.02
N MET A 153 -0.91 -20.28 -7.78
CA MET A 153 -0.81 -19.25 -8.82
C MET A 153 -0.36 -19.88 -10.13
N TYR A 154 -1.06 -19.55 -11.20
CA TYR A 154 -0.76 -20.02 -12.55
C TYR A 154 -0.28 -18.83 -13.37
N CYS A 155 0.96 -18.92 -13.88
CA CYS A 155 1.57 -17.89 -14.70
C CYS A 155 2.13 -18.52 -15.96
N TYR A 156 2.43 -17.68 -16.94
CA TYR A 156 3.35 -18.07 -18.01
C TYR A 156 4.57 -17.16 -17.96
N VAL A 157 5.70 -17.65 -18.46
CA VAL A 157 6.94 -16.88 -18.51
C VAL A 157 7.00 -16.21 -19.88
N SER A 158 6.90 -14.89 -19.91
CA SER A 158 6.91 -14.14 -21.15
C SER A 158 8.34 -13.75 -21.51
N THR A 159 8.73 -14.06 -22.75
CA THR A 159 10.05 -13.72 -23.26
C THR A 159 10.00 -12.85 -24.51
N GLN A 160 8.81 -12.47 -24.96
CA GLN A 160 8.65 -11.75 -26.23
C GLN A 160 7.27 -11.12 -26.26
N LEU A 161 6.96 -10.47 -27.38
CA LEU A 161 5.64 -9.85 -27.55
C LEU A 161 4.56 -10.92 -27.60
N GLU A 162 3.37 -10.55 -27.11
CA GLU A 162 2.21 -11.44 -27.22
C GLU A 162 1.94 -11.82 -28.67
N THR A 163 2.05 -10.85 -29.58
CA THR A 163 1.87 -11.14 -31.00
C THR A 163 2.93 -12.11 -31.51
N ASP A 164 4.15 -12.03 -30.97
CA ASP A 164 5.16 -13.02 -31.31
C ASP A 164 4.78 -14.40 -30.79
N ASP A 165 4.17 -14.45 -29.60
CA ASP A 165 3.66 -15.71 -29.08
C ASP A 165 2.67 -16.34 -30.06
N TYR A 166 1.70 -15.54 -30.53
CA TYR A 166 0.69 -16.10 -31.42
C TYR A 166 1.25 -16.43 -32.79
N ALA A 167 2.26 -15.67 -33.25
CA ALA A 167 2.87 -16.00 -34.54
C ALA A 167 3.70 -17.28 -34.47
N GLY A 168 4.20 -17.62 -33.29
CA GLY A 168 5.04 -18.79 -33.13
C GLY A 168 4.25 -20.09 -33.22
N SER A 169 4.96 -21.18 -32.96
CA SER A 169 4.40 -22.52 -33.07
C SER A 169 4.48 -23.34 -31.79
N SER A 170 5.05 -22.80 -30.71
CA SER A 170 5.22 -23.56 -29.47
C SER A 170 4.89 -22.68 -28.27
N PRO A 171 4.09 -23.17 -27.32
CA PRO A 171 3.61 -22.31 -26.25
C PRO A 171 4.75 -21.93 -25.31
N PRO A 172 4.65 -20.79 -24.64
CA PRO A 172 5.67 -20.40 -23.65
C PRO A 172 5.60 -21.29 -22.42
N THR A 173 6.60 -21.13 -21.56
CA THR A 173 6.67 -21.91 -20.34
C THR A 173 5.46 -21.63 -19.45
N GLN A 174 4.83 -22.70 -18.96
CA GLN A 174 3.71 -22.61 -18.05
C GLN A 174 4.17 -22.97 -16.65
N LYS A 175 3.84 -22.13 -15.66
CA LYS A 175 4.32 -22.29 -14.30
C LYS A 175 3.16 -22.41 -13.33
N LEU A 176 3.30 -23.32 -12.36
CA LEU A 176 2.36 -23.46 -11.26
C LEU A 176 3.11 -23.24 -9.95
N THR A 177 2.67 -22.25 -9.18
CA THR A 177 3.33 -21.87 -7.93
C THR A 177 2.38 -22.11 -6.77
N LEU A 178 2.85 -22.84 -5.77
CA LEU A 178 2.09 -23.08 -4.54
C LEU A 178 2.77 -22.35 -3.39
N LEU A 179 1.99 -21.55 -2.67
CA LEU A 179 2.49 -20.76 -1.55
C LEU A 179 1.63 -21.05 -0.33
N PHE A 180 2.24 -21.57 0.72
CA PHE A 180 1.49 -22.06 1.87
C PHE A 180 1.77 -21.22 3.11
N TYR A 181 0.85 -21.32 4.07
CA TYR A 181 0.93 -20.52 5.28
C TYR A 181 2.15 -20.86 6.12
N ASN A 182 2.65 -22.09 6.04
CA ASN A 182 3.87 -22.44 6.77
C ASN A 182 5.12 -21.94 6.08
N ASP A 183 4.99 -21.01 5.14
CA ASP A 183 6.10 -20.34 4.45
C ASP A 183 6.79 -21.23 3.42
N THR A 184 6.18 -22.36 3.05
CA THR A 184 6.70 -23.17 1.97
C THR A 184 6.24 -22.59 0.64
N VAL A 185 7.16 -22.49 -0.32
CA VAL A 185 6.87 -22.05 -1.68
C VAL A 185 7.46 -23.07 -2.64
N THR A 186 6.63 -23.64 -3.51
CA THR A 186 7.07 -24.60 -4.52
C THR A 186 6.54 -24.18 -5.87
N GLU A 187 7.39 -24.23 -6.88
CA GLU A 187 7.01 -23.85 -8.24
C GLU A 187 7.44 -24.94 -9.21
N ARG A 188 6.57 -25.24 -10.18
CA ARG A 188 6.83 -26.28 -11.17
C ARG A 188 6.48 -25.77 -12.56
N THR A 189 7.27 -26.21 -13.54
CA THR A 189 6.85 -26.09 -14.94
C THR A 189 5.89 -27.23 -15.25
N ILE A 190 4.76 -26.90 -15.87
CA ILE A 190 3.77 -27.91 -16.23
C ILE A 190 3.55 -27.89 -17.73
N SER A 191 3.21 -29.06 -18.27
CA SER A 191 2.81 -29.22 -19.67
C SER A 191 1.50 -29.98 -19.67
N PRO A 192 0.38 -29.27 -19.49
CA PRO A 192 -0.91 -29.94 -19.34
C PRO A 192 -1.29 -30.77 -20.57
N THR A 193 -2.00 -31.86 -20.31
CA THR A 193 -2.51 -32.71 -21.38
C THR A 193 -3.36 -31.88 -22.35
N GLY A 194 -3.04 -31.99 -23.64
CA GLY A 194 -3.73 -31.25 -24.68
C GLY A 194 -2.99 -30.05 -25.20
N LEU A 195 -1.94 -29.60 -24.51
CA LEU A 195 -1.23 -28.39 -24.91
C LEU A 195 -0.36 -28.66 -26.14
N GLU A 196 0.58 -29.59 -26.03
CA GLU A 196 1.57 -29.80 -27.08
C GLU A 196 0.92 -30.28 -28.37
N GLY A 197 1.29 -29.66 -29.48
CA GLY A 197 0.78 -30.00 -30.79
C GLY A 197 -0.49 -29.29 -31.20
N ASN A 198 -1.22 -28.70 -30.24
CA ASN A 198 -2.49 -28.06 -30.55
C ASN A 198 -2.47 -26.54 -30.44
N TRP A 199 -1.55 -25.97 -29.67
CA TRP A 199 -1.57 -24.54 -29.34
C TRP A 199 -0.30 -23.85 -29.80
N ALA A 200 -0.46 -22.66 -30.37
CA ALA A 200 0.68 -21.77 -30.58
C ALA A 200 1.11 -21.13 -29.27
N THR A 201 0.15 -20.77 -28.42
CA THR A 201 0.46 -20.14 -27.14
C THR A 201 -0.70 -20.37 -26.19
N LEU A 202 -0.40 -20.25 -24.90
CA LEU A 202 -1.41 -20.35 -23.85
C LEU A 202 -0.95 -19.50 -22.67
N VAL A 203 -1.85 -18.71 -22.12
CA VAL A 203 -1.56 -17.88 -20.95
C VAL A 203 -2.71 -18.01 -19.97
N PRO A 204 -2.47 -17.69 -18.69
CA PRO A 204 -3.57 -17.68 -17.72
C PRO A 204 -4.52 -16.52 -17.97
N GLY A 205 -5.74 -16.67 -17.45
CA GLY A 205 -6.83 -15.74 -17.68
C GLY A 205 -6.86 -14.51 -16.79
N VAL A 206 -5.86 -14.32 -15.92
CA VAL A 206 -5.72 -13.18 -15.03
C VAL A 206 -6.71 -13.25 -13.87
N GLY A 207 -8.00 -13.38 -14.18
CA GLY A 207 -8.98 -13.54 -13.12
C GLY A 207 -8.71 -14.77 -12.29
N SER A 208 -9.18 -14.74 -11.04
CA SER A 208 -8.88 -15.80 -10.10
C SER A 208 -9.44 -17.14 -10.56
N GLY A 209 -8.74 -18.21 -10.17
CA GLY A 209 -9.26 -19.56 -10.31
C GLY A 209 -9.95 -20.02 -9.03
N ILE A 210 -10.24 -21.32 -8.98
CA ILE A 210 -11.07 -21.86 -7.91
C ILE A 210 -10.59 -23.27 -7.54
N TYR A 211 -10.78 -23.62 -6.27
CA TYR A 211 -10.55 -24.96 -5.76
C TYR A 211 -11.92 -25.57 -5.46
N PHE A 212 -12.20 -26.73 -6.06
CA PHE A 212 -13.55 -27.26 -6.08
C PHE A 212 -13.50 -28.76 -6.33
N GLU A 213 -14.00 -29.54 -5.38
CA GLU A 213 -14.12 -31.00 -5.52
C GLU A 213 -12.80 -31.64 -5.94
N ASN A 214 -11.75 -31.38 -5.15
CA ASN A 214 -10.42 -31.91 -5.38
C ASN A 214 -9.81 -31.43 -6.71
N LYS A 215 -10.36 -30.37 -7.29
CA LYS A 215 -9.83 -29.81 -8.53
C LYS A 215 -9.42 -28.36 -8.32
N LEU A 216 -8.25 -28.02 -8.86
CA LEU A 216 -7.81 -26.65 -8.99
C LEU A 216 -8.06 -26.23 -10.44
N ILE A 217 -8.85 -25.17 -10.64
CA ILE A 217 -9.31 -24.79 -11.97
C ILE A 217 -8.99 -23.33 -12.20
N PHE A 218 -8.18 -23.05 -13.23
CA PHE A 218 -7.81 -21.69 -13.63
C PHE A 218 -8.40 -21.34 -14.98
N PRO A 219 -8.79 -20.09 -15.20
CA PRO A 219 -9.09 -19.64 -16.57
C PRO A 219 -7.81 -19.50 -17.37
N ALA A 220 -7.93 -19.71 -18.68
CA ALA A 220 -6.80 -19.57 -19.58
C ALA A 220 -7.31 -19.21 -20.97
N TYR A 221 -6.38 -18.79 -21.82
CA TYR A 221 -6.71 -18.54 -23.23
C TYR A 221 -5.42 -18.50 -24.04
N GLY A 222 -5.57 -18.69 -25.35
CA GLY A 222 -4.42 -18.72 -26.22
C GLY A 222 -4.83 -18.91 -27.66
N GLY A 223 -3.86 -19.31 -28.48
CA GLY A 223 -4.09 -19.54 -29.90
C GLY A 223 -3.95 -20.99 -30.30
N VAL A 224 -5.00 -21.55 -30.90
CA VAL A 224 -4.98 -22.93 -31.37
C VAL A 224 -4.50 -22.96 -32.81
N LEU A 225 -3.60 -23.88 -33.11
CA LEU A 225 -3.12 -24.05 -34.48
C LEU A 225 -4.25 -24.58 -35.35
N PRO A 226 -4.66 -23.84 -36.39
CA PRO A 226 -5.83 -24.29 -37.18
C PRO A 226 -5.72 -25.69 -37.75
N ASN A 227 -4.52 -26.13 -38.14
CA ASN A 227 -4.36 -27.44 -38.76
C ASN A 227 -4.13 -28.57 -37.77
N SER A 228 -4.09 -28.26 -36.46
CA SER A 228 -3.86 -29.29 -35.46
C SER A 228 -5.13 -30.12 -35.26
N THR A 229 -5.00 -31.16 -34.43
CA THR A 229 -6.15 -32.00 -34.09
C THR A 229 -7.29 -31.17 -33.51
N LEU A 230 -7.01 -30.39 -32.47
CA LEU A 230 -8.04 -29.55 -31.86
C LEU A 230 -8.58 -28.52 -32.85
N GLY A 231 -7.70 -27.93 -33.66
CA GLY A 231 -8.14 -26.93 -34.62
C GLY A 231 -9.09 -27.48 -35.66
N VAL A 232 -8.84 -28.71 -36.13
CA VAL A 232 -9.71 -29.30 -37.14
C VAL A 232 -11.07 -29.65 -36.56
N LYS A 233 -11.10 -30.19 -35.34
CA LYS A 233 -12.36 -30.58 -34.73
C LYS A 233 -13.28 -29.39 -34.51
N SER A 234 -12.71 -28.24 -34.18
CA SER A 234 -13.48 -27.05 -33.82
C SER A 234 -13.53 -26.03 -34.93
N ALA A 235 -13.18 -26.41 -36.16
CA ALA A 235 -13.00 -25.43 -37.23
C ALA A 235 -14.26 -24.64 -37.53
N ARG A 236 -15.44 -25.26 -37.38
CA ARG A 236 -16.69 -24.63 -37.76
C ARG A 236 -17.44 -24.02 -36.58
N GLU A 237 -16.89 -24.09 -35.37
CA GLU A 237 -17.61 -23.66 -34.18
C GLU A 237 -17.63 -22.14 -34.04
N PHE A 238 -18.79 -21.60 -33.69
CA PHE A 238 -18.93 -20.17 -33.45
C PHE A 238 -20.15 -19.92 -32.58
N PHE A 239 -20.15 -18.76 -31.92
CA PHE A 239 -21.25 -18.32 -31.07
C PHE A 239 -21.52 -16.86 -31.40
N ARG A 240 -22.78 -16.53 -31.68
CA ARG A 240 -23.17 -15.17 -32.05
C ARG A 240 -24.30 -14.70 -31.15
N PRO A 241 -23.97 -14.08 -30.02
CA PRO A 241 -25.02 -13.48 -29.18
C PRO A 241 -25.67 -12.31 -29.88
N VAL A 242 -26.96 -12.14 -29.61
CA VAL A 242 -27.75 -11.05 -30.19
C VAL A 242 -28.47 -10.30 -29.08
N ASN A 243 -28.33 -8.97 -29.08
CA ASN A 243 -29.11 -8.14 -28.19
C ASN A 243 -30.44 -7.83 -28.89
N PRO A 244 -31.56 -8.41 -28.45
CA PRO A 244 -32.82 -8.19 -29.18
C PRO A 244 -33.27 -6.75 -29.20
N TYR A 245 -32.78 -5.93 -28.27
CA TYR A 245 -33.09 -4.50 -28.29
C TYR A 245 -32.17 -3.71 -29.21
N ASN A 246 -30.99 -4.23 -29.53
CA ASN A 246 -30.03 -3.56 -30.40
C ASN A 246 -29.43 -4.58 -31.37
N PRO A 247 -30.20 -5.03 -32.36
CA PRO A 247 -29.71 -6.08 -33.26
C PRO A 247 -28.77 -5.53 -34.32
N CYS A 248 -27.88 -6.42 -34.79
CA CYS A 248 -27.02 -6.12 -35.93
C CYS A 248 -27.74 -6.39 -37.24
N SER A 249 -27.56 -5.49 -38.20
CA SER A 249 -28.21 -5.59 -39.51
C SER A 249 -27.52 -6.61 -40.39
N GLY A 250 -28.31 -7.46 -41.04
CA GLY A 250 -27.79 -8.41 -42.00
C GLY A 250 -28.52 -9.73 -42.01
N PRO A 251 -28.33 -10.51 -43.06
CA PRO A 251 -28.93 -11.86 -43.09
C PRO A 251 -28.22 -12.78 -42.12
N GLN A 252 -28.98 -13.78 -41.64
CA GLN A 252 -28.46 -14.69 -40.62
C GLN A 252 -27.17 -15.36 -41.07
N GLN A 253 -27.10 -15.77 -42.34
CA GLN A 253 -25.94 -16.52 -42.82
C GLN A 253 -24.70 -15.64 -42.87
N ASP A 254 -24.84 -14.40 -43.34
CA ASP A 254 -23.71 -13.49 -43.38
C ASP A 254 -23.23 -13.16 -41.97
N LEU A 255 -24.16 -12.90 -41.04
CA LEU A 255 -23.76 -12.61 -39.67
C LEU A 255 -23.06 -13.81 -39.04
N ASP A 256 -23.52 -15.03 -39.34
CA ASP A 256 -22.88 -16.23 -38.81
C ASP A 256 -21.47 -16.40 -39.37
N GLN A 257 -21.29 -16.16 -40.67
CA GLN A 257 -19.95 -16.26 -41.27
C GLN A 257 -19.01 -15.24 -40.65
N ARG A 258 -19.49 -14.02 -40.43
CA ARG A 258 -18.67 -12.99 -39.80
C ARG A 258 -18.31 -13.38 -38.37
N ALA A 259 -19.27 -13.94 -37.63
CA ALA A 259 -18.99 -14.37 -36.26
C ALA A 259 -17.97 -15.47 -36.21
N LEU A 260 -18.04 -16.43 -37.15
CA LEU A 260 -17.03 -17.47 -37.23
C LEU A 260 -15.65 -16.89 -37.52
N ARG A 261 -15.58 -15.99 -38.50
CA ARG A 261 -14.28 -15.41 -38.85
C ARG A 261 -13.70 -14.57 -37.70
N SER A 262 -14.56 -14.04 -36.82
CA SER A 262 -14.07 -13.21 -35.73
C SER A 262 -13.18 -13.96 -34.74
N TYR A 263 -13.16 -15.30 -34.79
CA TYR A 263 -12.31 -16.09 -33.91
C TYR A 263 -10.86 -16.14 -34.37
N PHE A 264 -10.55 -15.67 -35.58
CA PHE A 264 -9.22 -15.79 -36.18
C PHE A 264 -8.69 -14.41 -36.55
N PRO A 265 -8.41 -13.56 -35.57
CA PRO A 265 -7.93 -12.20 -35.89
C PRO A 265 -6.53 -12.23 -36.47
N SER A 266 -6.32 -11.43 -37.52
CA SER A 266 -4.99 -11.28 -38.10
C SER A 266 -4.00 -10.70 -37.10
N TYR A 267 -4.49 -9.96 -36.10
CA TYR A 267 -3.60 -9.44 -35.06
C TYR A 267 -2.88 -10.56 -34.35
N PHE A 268 -3.53 -11.71 -34.19
CA PHE A 268 -2.92 -12.89 -33.57
C PHE A 268 -2.61 -13.97 -34.61
N SER A 269 -2.21 -13.54 -35.81
CA SER A 269 -1.72 -14.44 -36.86
C SER A 269 -2.77 -15.45 -37.32
N ASN A 270 -4.05 -15.09 -37.18
CA ASN A 270 -5.17 -15.92 -37.63
C ASN A 270 -5.24 -17.27 -36.95
N ARG A 271 -4.59 -17.44 -35.81
CA ARG A 271 -4.87 -18.58 -34.97
C ARG A 271 -6.33 -18.53 -34.50
N ARG A 272 -6.86 -19.68 -34.12
CA ARG A 272 -8.14 -19.71 -33.42
C ARG A 272 -7.89 -19.31 -31.97
N VAL A 273 -8.35 -18.13 -31.58
CA VAL A 273 -8.13 -17.65 -30.22
C VAL A 273 -9.21 -18.24 -29.34
N GLN A 274 -8.80 -18.94 -28.28
CA GLN A 274 -9.64 -19.93 -27.61
C GLN A 274 -9.50 -19.79 -26.10
N SER A 275 -10.64 -19.72 -25.41
CA SER A 275 -10.64 -19.85 -23.97
C SER A 275 -10.53 -21.32 -23.57
N ALA A 276 -9.92 -21.57 -22.41
CA ALA A 276 -9.77 -22.93 -21.93
C ALA A 276 -9.64 -22.89 -20.41
N PHE A 277 -9.69 -24.07 -19.81
CA PHE A 277 -9.61 -24.21 -18.36
C PHE A 277 -8.45 -25.14 -18.01
N LEU A 278 -7.55 -24.66 -17.16
CA LEU A 278 -6.48 -25.49 -16.62
C LEU A 278 -7.02 -26.20 -15.39
N VAL A 279 -7.09 -27.52 -15.45
CA VAL A 279 -7.68 -28.33 -14.39
C VAL A 279 -6.59 -29.23 -13.82
N CYS A 280 -6.36 -29.12 -12.51
CA CYS A 280 -5.33 -29.89 -11.81
C CYS A 280 -5.97 -30.68 -10.67
N ALA A 281 -5.56 -31.94 -10.53
CA ALA A 281 -5.96 -32.75 -9.39
C ALA A 281 -5.18 -32.31 -8.16
N TRP A 282 -5.89 -31.78 -7.15
CA TRP A 282 -5.22 -31.24 -5.98
C TRP A 282 -4.44 -32.30 -5.23
N ASN A 283 -5.00 -33.52 -5.11
CA ASN A 283 -4.32 -34.59 -4.41
C ASN A 283 -3.04 -35.03 -5.10
N GLN A 284 -2.84 -34.65 -6.36
CA GLN A 284 -1.61 -34.95 -7.09
C GLN A 284 -0.86 -33.67 -7.47
N ILE A 285 -1.08 -32.58 -6.75
CA ILE A 285 -0.64 -31.26 -7.21
C ILE A 285 0.87 -31.17 -7.34
N LEU A 286 1.61 -31.98 -6.59
CA LEU A 286 3.06 -31.94 -6.66
C LEU A 286 3.63 -32.65 -7.88
N VAL A 287 2.86 -33.53 -8.51
CA VAL A 287 3.39 -34.31 -9.63
C VAL A 287 2.56 -34.20 -10.90
N THR A 288 1.28 -33.85 -10.83
CA THR A 288 0.45 -33.87 -12.03
C THR A 288 0.86 -32.76 -12.99
N ASN A 289 0.64 -33.02 -14.28
CA ASN A 289 0.84 -32.00 -15.30
C ASN A 289 -0.42 -31.19 -15.57
N CYS A 290 -1.54 -31.58 -14.96
CA CYS A 290 -2.85 -30.96 -15.18
C CYS A 290 -3.33 -31.25 -16.59
N GLU A 291 -4.49 -30.69 -16.95
CA GLU A 291 -5.07 -30.95 -18.26
C GLU A 291 -5.83 -29.72 -18.72
N LEU A 292 -5.83 -29.51 -20.03
CA LEU A 292 -6.61 -28.44 -20.65
C LEU A 292 -7.99 -28.97 -21.00
N VAL A 293 -9.02 -28.31 -20.48
CA VAL A 293 -10.40 -28.61 -20.84
C VAL A 293 -10.91 -27.45 -21.70
N VAL A 294 -11.24 -27.76 -22.95
CA VAL A 294 -11.52 -26.76 -23.97
C VAL A 294 -13.00 -26.77 -24.25
N PRO A 295 -13.70 -25.65 -24.05
CA PRO A 295 -15.13 -25.60 -24.36
C PRO A 295 -15.39 -25.48 -25.86
N SER A 296 -16.61 -25.86 -26.23
CA SER A 296 -17.05 -25.67 -27.61
C SER A 296 -17.23 -24.18 -27.89
N ASN A 297 -16.72 -23.73 -29.03
CA ASN A 297 -16.92 -22.34 -29.42
C ASN A 297 -18.33 -22.08 -29.94
N ASN A 298 -19.19 -23.10 -30.00
CA ASN A 298 -20.62 -22.86 -30.17
C ASN A 298 -21.23 -22.22 -28.94
N GLN A 299 -20.56 -22.28 -27.79
CA GLN A 299 -21.09 -21.79 -26.54
C GLN A 299 -20.34 -20.60 -25.97
N THR A 300 -19.27 -20.14 -26.64
CA THR A 300 -18.44 -19.08 -26.08
C THR A 300 -17.81 -18.27 -27.21
N LEU A 301 -17.45 -17.04 -26.87
CA LEU A 301 -16.84 -16.13 -27.81
C LEU A 301 -15.33 -16.36 -27.86
N MET A 302 -14.67 -15.58 -28.71
CA MET A 302 -13.22 -15.64 -28.86
C MET A 302 -12.52 -15.65 -27.51
N GLY A 303 -11.49 -16.48 -27.39
CA GLY A 303 -10.71 -16.60 -26.18
C GLY A 303 -10.24 -15.27 -25.61
N ALA A 304 -10.21 -15.17 -24.29
CA ALA A 304 -9.88 -13.92 -23.63
C ALA A 304 -9.59 -14.22 -22.17
N GLU A 305 -9.14 -13.19 -21.45
CA GLU A 305 -9.05 -13.26 -20.00
C GLU A 305 -10.41 -13.64 -19.42
N GLY A 306 -10.37 -14.18 -18.20
CA GLY A 306 -11.60 -14.58 -17.56
C GLY A 306 -11.38 -14.90 -16.10
N ARG A 307 -12.43 -15.42 -15.47
CA ARG A 307 -12.43 -15.73 -14.05
C ARG A 307 -13.37 -16.89 -13.81
N VAL A 308 -12.98 -17.80 -12.92
CA VAL A 308 -13.83 -18.92 -12.52
C VAL A 308 -14.34 -18.66 -11.11
N LEU A 309 -15.66 -18.70 -10.95
CA LEU A 309 -16.32 -18.48 -9.67
C LEU A 309 -17.01 -19.75 -9.20
N LEU A 310 -17.14 -19.89 -7.89
CA LEU A 310 -17.90 -20.97 -7.26
C LEU A 310 -18.82 -20.35 -6.22
N ILE A 311 -20.12 -20.31 -6.52
CA ILE A 311 -21.11 -19.70 -5.64
C ILE A 311 -22.25 -20.69 -5.45
N ASN A 312 -22.59 -20.97 -4.19
CA ASN A 312 -23.58 -21.99 -3.85
C ASN A 312 -23.30 -23.31 -4.56
N ASN A 313 -22.01 -23.67 -4.64
CA ASN A 313 -21.57 -24.89 -5.31
C ASN A 313 -22.00 -24.93 -6.77
N ARG A 314 -22.05 -23.77 -7.41
CA ARG A 314 -22.35 -23.65 -8.83
C ARG A 314 -21.24 -22.86 -9.49
N LEU A 315 -20.66 -23.42 -10.56
CA LEU A 315 -19.50 -22.81 -11.20
C LEU A 315 -19.93 -21.81 -12.27
N LEU A 316 -19.21 -20.69 -12.34
CA LEU A 316 -19.45 -19.65 -13.32
C LEU A 316 -18.13 -19.24 -13.95
N TYR A 317 -18.20 -18.75 -15.18
CA TYR A 317 -17.04 -18.26 -15.92
C TYR A 317 -17.35 -16.87 -16.45
N TYR A 318 -16.59 -15.89 -15.99
CA TYR A 318 -16.57 -14.57 -16.61
C TYR A 318 -15.59 -14.59 -17.76
N GLN A 319 -15.98 -13.99 -18.89
CA GLN A 319 -15.12 -13.88 -20.06
C GLN A 319 -14.98 -12.41 -20.42
N ARG A 320 -13.75 -11.92 -20.47
CA ARG A 320 -13.52 -10.56 -20.93
C ARG A 320 -14.06 -10.41 -22.35
N SER A 321 -14.67 -9.26 -22.63
CA SER A 321 -15.23 -8.99 -23.95
C SER A 321 -14.14 -8.42 -24.87
N THR A 322 -13.13 -9.26 -25.11
CA THR A 322 -12.05 -8.89 -26.02
C THR A 322 -12.50 -8.88 -27.46
N SER A 323 -13.58 -9.61 -27.78
CA SER A 323 -14.09 -9.72 -29.14
C SER A 323 -15.15 -8.65 -29.38
N TRP A 324 -15.88 -8.80 -30.49
CA TRP A 324 -16.82 -7.77 -30.96
C TRP A 324 -18.01 -7.55 -30.01
N TRP A 325 -18.38 -8.53 -29.20
CA TRP A 325 -19.56 -8.39 -28.35
C TRP A 325 -19.23 -7.54 -27.12
N PRO A 326 -19.85 -6.36 -26.96
CA PRO A 326 -19.40 -5.40 -25.94
C PRO A 326 -20.07 -5.52 -24.58
N TYR A 327 -21.00 -6.45 -24.40
CA TYR A 327 -21.72 -6.55 -23.14
C TYR A 327 -21.02 -7.54 -22.21
N GLU A 328 -21.49 -7.58 -20.95
CA GLU A 328 -20.83 -8.38 -19.92
C GLU A 328 -21.10 -9.87 -20.15
N LEU A 329 -20.03 -10.66 -20.18
CA LEU A 329 -20.11 -12.09 -20.49
C LEU A 329 -19.93 -12.90 -19.22
N LEU A 330 -20.98 -13.61 -18.81
CA LEU A 330 -20.94 -14.53 -17.68
C LEU A 330 -21.63 -15.82 -18.08
N TYR A 331 -20.97 -16.96 -17.87
CA TYR A 331 -21.50 -18.26 -18.27
C TYR A 331 -21.69 -19.15 -17.04
N GLU A 332 -22.79 -19.91 -17.04
CA GLU A 332 -22.94 -21.03 -16.12
C GLU A 332 -22.23 -22.24 -16.74
N ILE A 333 -21.28 -22.83 -16.01
CA ILE A 333 -20.44 -23.88 -16.57
C ILE A 333 -20.50 -25.12 -15.68
N SER A 334 -20.29 -26.29 -16.29
CA SER A 334 -20.21 -27.53 -15.55
C SER A 334 -19.25 -28.47 -16.26
N PHE A 335 -18.46 -29.18 -15.48
CA PHE A 335 -17.46 -30.10 -16.00
C PHE A 335 -17.95 -31.54 -15.91
N THR A 336 -17.55 -32.33 -16.89
CA THR A 336 -17.71 -33.78 -16.86
C THR A 336 -16.29 -34.34 -16.82
N PHE A 337 -15.89 -34.89 -15.68
CA PHE A 337 -14.56 -35.46 -15.52
C PHE A 337 -14.62 -36.96 -15.76
N THR A 338 -13.93 -37.42 -16.79
CA THR A 338 -13.78 -38.83 -17.10
C THR A 338 -12.30 -39.20 -16.91
N ASN A 339 -12.08 -40.40 -16.39
CA ASN A 339 -10.80 -40.92 -15.94
C ASN A 339 -9.53 -40.55 -16.71
N SER A 340 -9.56 -40.50 -18.04
CA SER A 340 -8.33 -40.43 -18.84
C SER A 340 -8.31 -39.25 -19.81
N GLY A 341 -8.25 -38.02 -19.28
CA GLY A 341 -8.09 -36.85 -20.12
C GLY A 341 -9.17 -36.62 -21.15
N GLN A 342 -10.34 -37.24 -20.96
CA GLN A 342 -11.48 -36.99 -21.82
C GLN A 342 -12.48 -36.05 -21.16
N SER A 343 -12.01 -35.24 -20.22
CA SER A 343 -12.85 -34.27 -19.55
C SER A 343 -13.45 -33.29 -20.55
N SER A 344 -14.66 -32.84 -20.24
CA SER A 344 -15.36 -31.88 -21.07
C SER A 344 -15.93 -30.79 -20.18
N VAL A 345 -16.32 -29.68 -20.79
CA VAL A 345 -16.98 -28.60 -20.07
C VAL A 345 -18.16 -28.14 -20.92
N ASN A 346 -19.27 -27.83 -20.26
CA ASN A 346 -20.45 -27.29 -20.90
C ASN A 346 -20.73 -25.91 -20.33
N MET A 347 -21.06 -24.96 -21.20
CA MET A 347 -21.26 -23.59 -20.77
C MET A 347 -22.58 -23.06 -21.30
N SER A 348 -23.22 -22.22 -20.48
CA SER A 348 -24.55 -21.68 -20.78
C SER A 348 -24.53 -20.17 -20.53
N TRP A 349 -24.54 -19.42 -21.61
CA TRP A 349 -24.50 -17.96 -21.54
C TRP A 349 -25.70 -17.41 -20.77
N ILE A 350 -25.41 -16.52 -19.81
CA ILE A 350 -26.45 -15.73 -19.17
C ILE A 350 -26.72 -14.51 -20.05
N PRO A 351 -27.93 -14.32 -20.56
CA PRO A 351 -28.16 -13.26 -21.55
C PRO A 351 -28.19 -11.86 -20.93
N ILE A 352 -27.06 -11.17 -21.00
CA ILE A 352 -26.88 -9.85 -20.38
C ILE A 352 -26.69 -8.81 -21.47
N TYR A 353 -27.44 -7.70 -21.38
CA TYR A 353 -27.44 -6.66 -22.41
C TYR A 353 -27.30 -5.26 -21.80
N SER A 354 -26.75 -5.13 -20.60
CA SER A 354 -26.92 -3.88 -19.85
C SER A 354 -25.97 -2.78 -20.30
N PHE A 355 -24.69 -2.89 -19.97
CA PHE A 355 -23.72 -1.84 -20.24
C PHE A 355 -22.61 -2.40 -21.13
N THR A 356 -21.86 -1.49 -21.74
CA THR A 356 -20.81 -1.85 -22.68
C THR A 356 -19.44 -1.47 -22.13
N ARG A 357 -18.40 -2.20 -22.61
CA ARG A 357 -17.03 -1.89 -22.23
C ARG A 357 -16.35 -1.05 -23.31
N PRO A 358 -15.38 -0.23 -22.96
CA PRO A 358 -14.71 0.59 -23.98
C PRO A 358 -13.82 -0.24 -24.89
N GLY A 359 -13.72 0.20 -26.14
CA GLY A 359 -12.87 -0.44 -27.12
C GLY A 359 -12.48 0.55 -28.20
N SER A 360 -11.58 0.11 -29.07
CA SER A 360 -11.01 0.97 -30.10
C SER A 360 -11.59 0.63 -31.46
N GLY A 361 -11.70 1.67 -32.30
CA GLY A 361 -12.01 1.49 -33.71
C GLY A 361 -13.36 0.83 -33.95
N ASN A 362 -13.35 -0.29 -34.68
CA ASN A 362 -14.53 -1.07 -34.96
C ASN A 362 -14.99 -1.90 -33.77
N CYS A 363 -14.30 -1.81 -32.64
CA CYS A 363 -14.56 -2.67 -31.48
C CYS A 363 -14.94 -1.86 -30.25
N SER A 364 -15.49 -0.67 -30.45
CA SER A 364 -15.91 0.17 -29.33
C SER A 364 -17.16 -0.41 -28.67
N GLY A 365 -17.58 0.21 -27.58
CA GLY A 365 -18.80 -0.20 -26.91
C GLY A 365 -20.05 -0.01 -27.74
N GLU A 366 -19.96 0.73 -28.84
CA GLU A 366 -21.12 0.96 -29.70
C GLU A 366 -21.28 -0.13 -30.76
N ASN A 367 -20.25 -0.95 -30.98
CA ASN A 367 -20.33 -2.01 -31.97
C ASN A 367 -20.96 -3.26 -31.36
N VAL A 368 -21.95 -3.82 -32.04
CA VAL A 368 -22.60 -5.05 -31.58
C VAL A 368 -22.63 -6.06 -32.73
N CYS A 369 -21.81 -5.82 -33.75
CA CYS A 369 -21.78 -6.63 -34.96
C CYS A 369 -20.53 -7.49 -35.03
N PRO A 370 -20.64 -8.73 -35.50
CA PRO A 370 -19.47 -9.62 -35.55
C PRO A 370 -18.38 -9.08 -36.47
N THR A 371 -17.22 -8.82 -35.89
CA THR A 371 -16.02 -8.42 -36.62
C THR A 371 -14.80 -8.93 -35.87
N ALA A 372 -13.66 -8.93 -36.56
CA ALA A 372 -12.42 -9.39 -35.95
C ALA A 372 -11.93 -8.34 -34.96
N CYS A 373 -12.00 -8.65 -33.67
CA CYS A 373 -11.68 -7.71 -32.61
C CYS A 373 -10.70 -8.33 -31.61
N VAL A 374 -9.66 -7.57 -31.28
CA VAL A 374 -8.84 -7.80 -30.09
C VAL A 374 -8.83 -6.46 -29.36
N SER A 375 -9.69 -6.33 -28.36
CA SER A 375 -9.98 -5.03 -27.77
C SER A 375 -10.56 -5.26 -26.38
N GLY A 376 -11.21 -4.24 -25.83
CA GLY A 376 -11.91 -4.40 -24.58
C GLY A 376 -10.99 -4.17 -23.40
N VAL A 377 -11.43 -4.67 -22.24
CA VAL A 377 -10.72 -4.50 -20.98
C VAL A 377 -11.34 -5.44 -19.95
N TYR A 378 -10.54 -5.90 -18.98
CA TYR A 378 -11.04 -6.81 -17.96
C TYR A 378 -11.91 -6.07 -16.96
N LEU A 379 -13.19 -6.45 -16.88
CA LEU A 379 -14.14 -5.86 -15.92
C LEU A 379 -15.07 -7.00 -15.49
N ASP A 380 -14.75 -7.66 -14.36
CA ASP A 380 -15.54 -8.84 -14.09
C ASP A 380 -16.74 -8.53 -13.20
N PRO A 381 -17.77 -9.38 -13.20
CA PRO A 381 -18.94 -9.11 -12.37
C PRO A 381 -19.01 -10.01 -11.15
N TRP A 382 -19.82 -9.63 -10.16
CA TRP A 382 -20.13 -10.53 -9.06
C TRP A 382 -21.62 -10.74 -9.05
N PRO A 383 -22.11 -11.97 -9.29
CA PRO A 383 -23.55 -12.21 -9.32
C PRO A 383 -24.12 -12.22 -7.91
N LEU A 384 -25.15 -11.42 -7.69
CA LEU A 384 -25.85 -11.35 -6.41
C LEU A 384 -26.97 -12.36 -6.31
N THR A 385 -27.41 -12.90 -7.44
CA THR A 385 -28.54 -13.80 -7.57
C THR A 385 -28.13 -15.00 -8.43
N PRO A 386 -28.74 -16.16 -8.24
CA PRO A 386 -28.63 -17.22 -9.23
C PRO A 386 -29.38 -16.83 -10.49
N TYR A 387 -28.96 -17.40 -11.61
CA TYR A 387 -29.74 -17.26 -12.84
C TYR A 387 -30.56 -18.52 -13.11
N SER A 388 -29.90 -19.68 -13.18
CA SER A 388 -30.59 -20.95 -13.26
C SER A 388 -30.64 -21.57 -11.88
N HIS A 389 -31.83 -21.98 -11.46
CA HIS A 389 -32.00 -22.66 -10.19
C HIS A 389 -32.89 -23.88 -10.39
N GLN A 390 -32.99 -24.68 -9.34
CA GLN A 390 -33.72 -25.95 -9.41
C GLN A 390 -35.14 -25.76 -9.92
N SER A 391 -35.78 -24.64 -9.54
CA SER A 391 -37.16 -24.39 -9.92
C SER A 391 -37.29 -23.87 -11.34
N GLY A 392 -36.28 -23.19 -11.86
CA GLY A 392 -36.41 -22.53 -13.15
C GLY A 392 -35.29 -21.54 -13.39
N ILE A 393 -35.64 -20.46 -14.08
CA ILE A 393 -34.68 -19.44 -14.49
C ILE A 393 -35.11 -18.11 -13.90
N ASN A 394 -34.19 -17.43 -13.23
CA ASN A 394 -34.46 -16.18 -12.53
C ASN A 394 -34.25 -15.01 -13.48
N ARG A 395 -35.35 -14.44 -13.98
CA ARG A 395 -35.27 -13.21 -14.78
C ARG A 395 -34.89 -12.01 -13.94
N ASN A 396 -35.09 -12.04 -12.63
CA ASN A 396 -34.62 -10.96 -11.76
C ASN A 396 -33.19 -11.25 -11.33
N PHE A 397 -32.30 -11.20 -12.32
CA PHE A 397 -30.89 -11.45 -12.12
C PHE A 397 -30.19 -10.13 -11.88
N TYR A 398 -29.32 -10.09 -10.87
CA TYR A 398 -28.59 -8.88 -10.53
C TYR A 398 -27.11 -9.21 -10.32
N PHE A 399 -26.25 -8.32 -10.80
CA PHE A 399 -24.82 -8.44 -10.57
C PHE A 399 -24.23 -7.05 -10.36
N THR A 400 -23.04 -7.02 -9.78
CA THR A 400 -22.40 -5.76 -9.41
C THR A 400 -20.92 -5.82 -9.77
N GLY A 401 -20.34 -4.64 -9.99
CA GLY A 401 -18.93 -4.56 -10.30
C GLY A 401 -18.54 -3.12 -10.53
N ALA A 402 -17.40 -2.92 -11.19
CA ALA A 402 -16.95 -1.60 -11.58
C ALA A 402 -16.78 -1.55 -13.09
N LEU A 403 -17.44 -0.59 -13.72
CA LEU A 403 -17.36 -0.41 -15.16
C LEU A 403 -16.53 0.83 -15.48
N LEU A 404 -16.22 0.98 -16.76
CA LEU A 404 -15.53 2.15 -17.27
C LEU A 404 -16.51 2.89 -18.16
N ASN A 405 -16.90 4.10 -17.76
CA ASN A 405 -18.01 4.80 -18.40
C ASN A 405 -17.47 5.58 -19.60
N SER A 406 -17.30 4.85 -20.69
CA SER A 406 -16.86 5.37 -21.98
C SER A 406 -16.97 4.24 -22.99
N SER A 407 -17.34 4.59 -24.23
CA SER A 407 -17.41 3.58 -25.27
C SER A 407 -16.07 3.34 -25.94
N THR A 408 -15.09 4.22 -25.72
CA THR A 408 -13.81 4.17 -26.44
C THR A 408 -12.59 4.19 -25.55
N THR A 409 -12.69 4.65 -24.31
CA THR A 409 -11.54 5.01 -23.50
C THR A 409 -11.64 4.38 -22.12
N ARG A 410 -10.49 3.94 -21.60
CA ARG A 410 -10.42 3.35 -20.27
C ARG A 410 -10.38 4.49 -19.26
N VAL A 411 -11.57 4.97 -18.88
CA VAL A 411 -11.70 6.17 -18.08
C VAL A 411 -13.02 6.10 -17.32
N ASN A 412 -13.15 6.91 -16.26
CA ASN A 412 -14.37 7.07 -15.49
C ASN A 412 -14.80 5.78 -14.80
N PRO A 413 -14.02 5.29 -13.83
CA PRO A 413 -14.44 4.09 -13.10
C PRO A 413 -15.73 4.35 -12.34
N THR A 414 -16.67 3.41 -12.43
CA THR A 414 -18.01 3.60 -11.88
C THR A 414 -18.50 2.30 -11.26
N LEU A 415 -18.83 2.34 -9.97
CA LEU A 415 -19.46 1.20 -9.33
C LEU A 415 -20.91 1.09 -9.80
N TYR A 416 -21.39 -0.14 -9.99
CA TYR A 416 -22.73 -0.33 -10.53
C TYR A 416 -23.35 -1.57 -9.93
N VAL A 417 -24.69 -1.59 -9.91
CA VAL A 417 -25.47 -2.81 -9.86
C VAL A 417 -26.30 -2.87 -11.13
N SER A 418 -26.32 -4.04 -11.78
CA SER A 418 -26.95 -4.18 -13.08
C SER A 418 -27.96 -5.32 -13.06
N ALA A 419 -29.05 -5.11 -13.80
CA ALA A 419 -29.98 -6.19 -14.13
C ALA A 419 -29.54 -6.82 -15.46
N LEU A 420 -30.37 -7.70 -16.01
CA LEU A 420 -30.04 -8.30 -17.31
C LEU A 420 -30.03 -7.24 -18.41
N ASN A 421 -31.01 -6.35 -18.42
CA ASN A 421 -31.23 -5.41 -19.52
C ASN A 421 -30.85 -3.98 -19.20
N ASN A 422 -30.65 -3.63 -17.93
CA ASN A 422 -30.49 -2.23 -17.56
C ASN A 422 -29.71 -2.12 -16.27
N LEU A 423 -29.17 -0.93 -16.03
CA LEU A 423 -28.44 -0.64 -14.81
C LEU A 423 -29.38 -0.21 -13.70
N LYS A 424 -29.12 -0.69 -12.48
CA LYS A 424 -29.96 -0.33 -11.35
C LYS A 424 -29.44 0.89 -10.59
N VAL A 425 -28.13 1.01 -10.40
CA VAL A 425 -27.56 2.15 -9.69
C VAL A 425 -26.11 2.33 -10.13
N LEU A 426 -25.65 3.57 -10.10
CA LEU A 426 -24.29 3.94 -10.49
C LEU A 426 -23.68 4.82 -9.41
N ALA A 427 -22.38 4.62 -9.15
CA ALA A 427 -21.65 5.44 -8.19
C ALA A 427 -20.23 5.63 -8.71
N PRO A 428 -19.93 6.78 -9.31
CA PRO A 428 -18.57 7.02 -9.81
C PRO A 428 -17.55 6.99 -8.69
N TYR A 429 -16.35 6.55 -9.01
CA TYR A 429 -15.20 6.72 -8.14
C TYR A 429 -14.33 7.84 -8.71
N GLY A 430 -14.11 8.88 -7.91
CA GLY A 430 -13.27 9.98 -8.32
C GLY A 430 -13.98 10.93 -9.26
N ASN A 431 -13.18 11.79 -9.89
CA ASN A 431 -13.70 12.82 -10.77
C ASN A 431 -13.85 12.29 -12.19
N GLN A 432 -14.70 12.95 -12.96
CA GLN A 432 -14.82 12.65 -14.38
C GLN A 432 -13.47 12.87 -15.05
N GLY A 433 -13.10 11.94 -15.93
CA GLY A 433 -11.81 11.99 -16.58
C GLY A 433 -10.71 11.17 -15.93
N LEU A 434 -10.98 10.55 -14.79
CA LEU A 434 -10.00 9.70 -14.13
C LEU A 434 -9.76 8.43 -14.96
N PHE A 435 -8.51 8.20 -15.35
CA PHE A 435 -8.18 6.98 -16.09
C PHE A 435 -8.17 5.78 -15.15
N ALA A 436 -8.65 4.65 -15.66
CA ALA A 436 -8.71 3.40 -14.90
C ALA A 436 -8.76 2.24 -15.89
N SER A 437 -8.42 1.05 -15.41
CA SER A 437 -8.43 -0.12 -16.30
C SER A 437 -9.11 -1.34 -15.68
N TYR A 438 -8.33 -2.39 -15.37
CA TYR A 438 -8.90 -3.64 -14.90
C TYR A 438 -9.65 -3.45 -13.59
N THR A 439 -10.78 -4.14 -13.46
CA THR A 439 -11.53 -4.17 -12.21
C THR A 439 -11.97 -5.61 -11.93
N THR A 440 -11.88 -6.01 -10.67
CA THR A 440 -12.39 -7.30 -10.21
C THR A 440 -13.14 -7.09 -8.90
N THR A 441 -14.33 -7.69 -8.81
CA THR A 441 -15.26 -7.42 -7.71
C THR A 441 -15.62 -8.73 -7.01
N THR A 442 -15.69 -8.67 -5.68
CA THR A 442 -16.15 -9.78 -4.85
C THR A 442 -17.07 -9.24 -3.76
N CYS A 443 -18.21 -9.88 -3.55
CA CYS A 443 -19.12 -9.51 -2.48
C CYS A 443 -19.26 -10.67 -1.50
N PHE A 444 -19.52 -10.32 -0.24
CA PHE A 444 -19.69 -11.29 0.83
C PHE A 444 -20.57 -10.67 1.90
N GLN A 445 -21.11 -11.52 2.78
CA GLN A 445 -22.06 -11.06 3.78
C GLN A 445 -21.54 -11.31 5.19
N ASP A 446 -21.75 -10.32 6.05
CA ASP A 446 -21.56 -10.45 7.49
C ASP A 446 -22.80 -11.13 8.07
N THR A 447 -22.68 -12.39 8.47
CA THR A 447 -23.84 -13.09 9.00
C THR A 447 -24.11 -12.72 10.46
N GLY A 448 -23.37 -11.76 11.02
CA GLY A 448 -23.67 -11.26 12.35
C GLY A 448 -24.66 -10.12 12.33
N ASP A 449 -24.44 -9.14 11.45
CA ASP A 449 -25.33 -7.98 11.34
C ASP A 449 -26.05 -7.89 10.00
N ALA A 450 -25.88 -8.87 9.11
CA ALA A 450 -26.49 -8.96 7.78
C ALA A 450 -25.95 -7.94 6.80
N SER A 451 -24.86 -7.24 7.13
CA SER A 451 -24.28 -6.30 6.19
C SER A 451 -23.77 -7.03 4.96
N VAL A 452 -24.04 -6.45 3.79
CA VAL A 452 -23.54 -6.98 2.52
C VAL A 452 -22.39 -6.07 2.07
N TYR A 453 -21.20 -6.65 1.92
CA TYR A 453 -20.02 -5.92 1.52
C TYR A 453 -19.58 -6.36 0.13
N CYS A 454 -19.20 -5.39 -0.69
CA CYS A 454 -18.59 -5.63 -1.98
C CYS A 454 -17.27 -4.87 -2.03
N VAL A 455 -16.20 -5.56 -2.41
CA VAL A 455 -14.91 -4.93 -2.63
C VAL A 455 -14.69 -4.82 -4.13
N TYR A 456 -14.47 -3.59 -4.60
CA TYR A 456 -14.22 -3.30 -6.01
C TYR A 456 -12.74 -2.97 -6.13
N ILE A 457 -11.98 -3.91 -6.67
CA ILE A 457 -10.54 -3.76 -6.84
C ILE A 457 -10.30 -3.20 -8.24
N MET A 458 -9.73 -1.98 -8.32
CA MET A 458 -9.66 -1.24 -9.57
C MET A 458 -8.25 -0.72 -9.82
N GLU A 459 -7.77 -0.90 -11.05
CA GLU A 459 -6.56 -0.21 -11.50
C GLU A 459 -6.89 1.26 -11.74
N LEU A 460 -6.36 2.16 -10.91
CA LEU A 460 -6.63 3.58 -11.01
C LEU A 460 -5.35 4.35 -11.27
N ALA A 461 -5.43 5.36 -12.15
CA ALA A 461 -4.29 6.20 -12.47
C ALA A 461 -4.04 7.18 -11.33
N SER A 462 -2.82 7.17 -10.80
CA SER A 462 -2.43 8.02 -9.68
C SER A 462 -1.48 9.11 -10.15
N ASN A 463 -1.60 10.28 -9.53
CA ASN A 463 -0.72 11.41 -9.85
C ASN A 463 0.69 11.24 -9.28
N ILE A 464 0.89 10.37 -8.29
CA ILE A 464 2.19 10.31 -7.63
C ILE A 464 2.88 8.97 -7.84
N VAL A 465 2.11 7.90 -8.00
CA VAL A 465 2.75 6.61 -8.30
C VAL A 465 2.43 6.23 -9.74
N GLY A 466 2.98 5.11 -10.19
CA GLY A 466 3.01 4.80 -11.60
C GLY A 466 1.66 4.47 -12.20
N GLU A 467 1.65 3.82 -13.36
CA GLU A 467 0.38 3.46 -13.97
C GLU A 467 -0.31 2.46 -13.07
N PHE A 468 -1.37 2.93 -12.42
CA PHE A 468 -2.34 2.16 -11.65
C PHE A 468 -1.89 1.84 -10.24
N GLN A 469 -2.36 2.65 -9.31
CA GLN A 469 -2.58 2.21 -7.95
C GLN A 469 -3.78 1.29 -7.97
N ILE A 470 -3.56 0.02 -7.69
CA ILE A 470 -4.66 -0.94 -7.63
C ILE A 470 -5.31 -0.77 -6.28
N LEU A 471 -6.53 -0.20 -6.27
CA LEU A 471 -7.18 0.19 -5.02
C LEU A 471 -8.33 -0.75 -4.69
N PRO A 472 -8.34 -1.35 -3.50
CA PRO A 472 -9.50 -2.15 -3.08
C PRO A 472 -10.54 -1.29 -2.37
N VAL A 473 -11.63 -0.99 -3.05
CA VAL A 473 -12.68 -0.12 -2.51
C VAL A 473 -13.76 -1.00 -1.90
N LEU A 474 -13.88 -0.95 -0.57
CA LEU A 474 -14.91 -1.71 0.14
C LEU A 474 -16.12 -0.82 0.39
N THR A 475 -17.29 -1.31 0.01
CA THR A 475 -18.54 -0.60 0.25
C THR A 475 -19.54 -1.56 0.86
N ARG A 476 -20.55 -0.98 1.51
CA ARG A 476 -21.71 -1.72 1.96
C ARG A 476 -22.81 -1.56 0.91
N LEU A 477 -23.45 -2.66 0.55
CA LEU A 477 -24.52 -2.64 -0.44
C LEU A 477 -25.86 -2.76 0.27
N THR A 478 -26.72 -1.76 0.05
CA THR A 478 -28.07 -1.75 0.62
C THR A 478 -29.07 -2.24 -0.41
N ILE A 479 -29.84 -3.26 -0.05
CA ILE A 479 -30.78 -3.91 -0.95
C ILE A 479 -32.18 -3.76 -0.37
N THR A 480 -33.10 -3.25 -1.19
CA THR A 480 -34.48 -3.00 -0.78
C THR A 480 -35.43 -3.54 -1.85
N GLY A 481 -36.73 -3.39 -1.58
CA GLY A 481 -37.75 -3.75 -2.54
C GLY A 481 -38.15 -2.60 -3.45
N ILE B 30 10.47 -18.20 9.26
CA ILE B 30 11.20 -17.02 8.81
C ILE B 30 11.70 -16.21 10.00
N PRO B 31 13.02 -16.14 10.16
CA PRO B 31 13.57 -15.32 11.25
C PRO B 31 13.40 -13.83 10.96
N LEU B 32 13.30 -13.06 12.04
CA LEU B 32 13.16 -11.61 11.97
C LEU B 32 14.56 -10.98 11.81
N VAL B 33 15.17 -11.24 10.65
CA VAL B 33 16.54 -10.83 10.39
C VAL B 33 16.66 -10.29 8.98
N ASN B 34 17.13 -9.04 8.86
CA ASN B 34 17.49 -8.47 7.56
C ASN B 34 18.49 -9.36 6.83
N ASP B 35 18.47 -9.26 5.49
CA ASP B 35 19.54 -9.82 4.69
C ASP B 35 20.90 -9.40 5.26
N LEU B 36 21.82 -10.37 5.35
CA LEU B 36 23.08 -10.16 6.05
C LEU B 36 23.91 -9.02 5.49
N ARG B 37 23.72 -8.65 4.22
CA ARG B 37 24.54 -7.61 3.61
C ARG B 37 24.17 -6.21 4.09
N PHE B 38 23.11 -6.06 4.89
CA PHE B 38 22.72 -4.78 5.44
C PHE B 38 22.96 -4.66 6.94
N ILE B 39 23.19 -5.77 7.63
CA ILE B 39 23.24 -5.75 9.09
C ILE B 39 24.38 -4.88 9.60
N ASN B 40 25.54 -4.96 8.95
CA ASN B 40 26.67 -4.13 9.33
C ASN B 40 26.73 -2.80 8.59
N GLY B 41 25.66 -2.45 7.89
CA GLY B 41 25.58 -1.16 7.21
C GLY B 41 24.45 -0.29 7.72
N ILE B 42 23.92 -0.63 8.90
CA ILE B 42 22.78 0.09 9.48
C ILE B 42 23.26 0.85 10.71
N ASN B 43 22.74 2.08 10.86
CA ASN B 43 23.11 2.96 11.98
C ASN B 43 24.62 3.20 12.03
N LYS B 44 25.22 3.38 10.86
CA LYS B 44 26.62 3.72 10.73
C LYS B 44 26.75 5.08 10.06
N PHE B 45 27.82 5.79 10.37
CA PHE B 45 28.17 6.98 9.59
C PHE B 45 28.78 6.53 8.26
N ILE B 46 28.12 6.89 7.17
CA ILE B 46 28.50 6.38 5.86
C ILE B 46 29.78 7.04 5.36
N ILE B 47 30.00 8.31 5.69
CA ILE B 47 31.18 9.05 5.27
C ILE B 47 31.97 9.41 6.52
N GLU B 48 33.16 8.82 6.68
CA GLU B 48 33.98 9.08 7.86
C GLU B 48 35.35 9.66 7.52
N ASP B 49 35.56 10.16 6.31
CA ASP B 49 36.87 10.72 5.96
C ASP B 49 37.05 12.16 6.41
N TYR B 50 35.97 12.86 6.80
CA TYR B 50 35.98 14.29 7.10
C TYR B 50 36.35 15.15 5.90
N ALA B 51 36.19 14.64 4.68
CA ALA B 51 36.59 15.35 3.49
C ALA B 51 35.35 15.87 2.77
N THR B 52 35.58 16.75 1.79
CA THR B 52 34.49 17.27 0.98
C THR B 52 34.04 16.23 -0.03
N HIS B 53 32.75 16.28 -0.38
CA HIS B 53 32.18 15.29 -1.28
C HIS B 53 31.13 15.93 -2.16
N ASP B 54 30.93 15.34 -3.33
CA ASP B 54 29.81 15.65 -4.20
C ASP B 54 28.84 14.48 -4.19
N PHE B 55 27.57 14.78 -4.44
CA PHE B 55 26.51 13.81 -4.26
C PHE B 55 25.59 13.81 -5.47
N SER B 56 25.07 12.61 -5.77
CA SER B 56 24.02 12.46 -6.77
C SER B 56 22.95 11.55 -6.20
N ILE B 57 21.70 12.01 -6.22
CA ILE B 57 20.58 11.23 -5.74
C ILE B 57 19.97 10.48 -6.92
N GLY B 58 19.90 9.16 -6.80
CA GLY B 58 19.38 8.34 -7.88
C GLY B 58 17.87 8.42 -8.00
N HIS B 59 17.38 7.87 -9.11
CA HIS B 59 15.94 7.84 -9.35
C HIS B 59 15.26 6.89 -8.35
N PRO B 60 13.99 7.14 -8.05
CA PRO B 60 13.27 6.21 -7.16
C PRO B 60 13.27 4.80 -7.71
N LEU B 61 13.58 3.83 -6.84
CA LEU B 61 13.63 2.43 -7.20
C LEU B 61 12.28 1.78 -6.89
N ASN B 62 11.73 1.05 -7.85
CA ASN B 62 10.36 0.56 -7.74
C ASN B 62 10.28 -0.77 -7.00
N MET B 63 9.28 -0.88 -6.15
CA MET B 63 8.99 -2.07 -5.36
C MET B 63 7.57 -1.95 -4.86
N PRO B 64 6.99 -3.02 -4.33
CA PRO B 64 5.69 -2.88 -3.64
C PRO B 64 5.87 -2.13 -2.34
N SER B 65 5.22 -0.97 -2.24
CA SER B 65 5.34 -0.14 -1.05
C SER B 65 4.93 -0.92 0.19
N PHE B 66 5.73 -0.79 1.26
CA PHE B 66 5.36 -1.42 2.53
C PHE B 66 4.40 -0.57 3.35
N ILE B 67 4.07 0.63 2.87
CA ILE B 67 3.22 1.56 3.62
C ILE B 67 1.86 1.61 2.92
N PRO B 68 0.79 1.15 3.57
CA PRO B 68 -0.52 1.13 2.92
C PRO B 68 -1.11 2.53 2.83
N THR B 69 -1.83 2.77 1.73
CA THR B 69 -2.60 4.00 1.59
C THR B 69 -3.99 3.80 2.18
N ALA B 70 -4.74 4.90 2.25
CA ALA B 70 -6.16 4.81 2.54
C ALA B 70 -6.89 4.07 1.41
N THR B 71 -8.14 3.69 1.66
CA THR B 71 -8.99 3.05 0.66
C THR B 71 -10.19 3.92 0.29
N SER B 72 -10.16 5.20 0.64
CA SER B 72 -11.25 6.13 0.35
C SER B 72 -10.65 7.45 -0.09
N PRO B 73 -11.38 8.23 -0.90
CA PRO B 73 -10.81 9.50 -1.38
C PRO B 73 -10.63 10.55 -0.31
N ASN B 74 -11.33 10.43 0.82
CA ASN B 74 -11.31 11.47 1.85
C ASN B 74 -11.05 10.91 3.24
N GLY B 75 -10.41 9.74 3.32
CA GLY B 75 -9.95 9.23 4.60
C GLY B 75 -8.54 9.73 4.90
N CYS B 76 -8.28 9.94 6.17
CA CYS B 76 -7.01 10.53 6.59
C CYS B 76 -6.00 9.45 6.94
N THR B 77 -4.80 9.59 6.40
CA THR B 77 -3.68 8.69 6.68
C THR B 77 -2.45 9.56 6.90
N ARG B 78 -1.97 9.63 8.14
CA ARG B 78 -0.96 10.64 8.47
C ARG B 78 0.00 10.15 9.55
N ILE B 79 1.01 10.99 9.81
CA ILE B 79 1.92 10.88 10.95
C ILE B 79 2.75 9.59 10.89
N PRO B 80 3.69 9.47 9.96
CA PRO B 80 4.51 8.26 9.91
C PRO B 80 5.61 8.29 10.95
N SER B 81 5.93 7.11 11.47
CA SER B 81 7.09 6.91 12.32
C SER B 81 7.78 5.62 11.89
N PHE B 82 9.10 5.69 11.65
CA PHE B 82 9.83 4.58 11.06
C PHE B 82 11.19 4.42 11.71
N SER B 83 11.56 3.18 12.01
CA SER B 83 12.90 2.86 12.51
C SER B 83 13.42 1.63 11.80
N LEU B 84 14.63 1.73 11.25
CA LEU B 84 15.35 0.59 10.69
C LEU B 84 16.40 0.15 11.70
N GLY B 85 16.16 -0.98 12.37
CA GLY B 85 17.16 -1.56 13.24
C GLY B 85 18.05 -2.52 12.47
N LYS B 86 19.09 -3.01 13.17
CA LYS B 86 20.08 -3.85 12.52
C LYS B 86 19.48 -5.14 11.99
N THR B 87 18.50 -5.72 12.68
CA THR B 87 17.90 -6.97 12.24
C THR B 87 16.52 -6.83 11.62
N HIS B 88 15.81 -5.73 11.88
CA HIS B 88 14.47 -5.55 11.34
C HIS B 88 14.07 -4.09 11.49
N TRP B 89 13.02 -3.72 10.76
CA TRP B 89 12.43 -2.39 10.83
C TRP B 89 11.03 -2.45 11.43
N CYS B 90 10.62 -1.29 11.96
CA CYS B 90 9.32 -1.05 12.57
C CYS B 90 8.72 0.21 11.99
N TYR B 91 7.40 0.22 11.81
CA TYR B 91 6.71 1.34 11.18
C TYR B 91 5.32 1.50 11.77
N THR B 92 4.83 2.74 11.79
CA THR B 92 3.45 2.99 12.21
C THR B 92 2.95 4.31 11.62
N HIS B 93 1.63 4.38 11.43
CA HIS B 93 0.98 5.65 11.12
C HIS B 93 -0.49 5.58 11.53
N ASN B 94 -1.16 6.74 11.44
CA ASN B 94 -2.51 6.93 11.95
C ASN B 94 -3.51 6.96 10.81
N VAL B 95 -4.69 6.36 11.04
CA VAL B 95 -5.76 6.23 10.04
C VAL B 95 -7.06 6.71 10.66
N ILE B 96 -7.70 7.70 10.01
CA ILE B 96 -8.99 8.23 10.45
C ILE B 96 -9.99 8.07 9.31
N ASN B 97 -11.21 7.65 9.65
CA ASN B 97 -12.23 7.43 8.63
C ASN B 97 -12.67 8.72 7.96
N ALA B 98 -12.67 9.83 8.69
CA ALA B 98 -13.01 11.13 8.11
C ALA B 98 -11.73 11.89 7.78
N ASN B 99 -11.89 13.14 7.34
CA ASN B 99 -10.73 13.96 7.02
C ASN B 99 -9.84 14.13 8.25
N CYS B 100 -8.61 14.61 7.99
CA CYS B 100 -7.60 14.72 9.04
C CYS B 100 -8.05 15.61 10.19
N LYS B 101 -8.66 16.76 9.89
CA LYS B 101 -9.04 17.68 10.97
C LYS B 101 -10.14 17.09 11.84
N ASP B 102 -10.98 16.23 11.29
CA ASP B 102 -11.93 15.50 12.13
C ASP B 102 -11.14 14.67 13.15
N HIS B 103 -11.70 14.56 14.37
CA HIS B 103 -10.95 13.97 15.46
C HIS B 103 -11.78 13.02 16.33
N THR B 104 -12.90 12.50 15.82
CA THR B 104 -13.70 11.59 16.65
C THR B 104 -12.96 10.29 16.93
N SER B 105 -12.55 9.58 15.88
CA SER B 105 -11.98 8.25 16.00
C SER B 105 -10.69 8.17 15.20
N SER B 106 -9.82 7.25 15.61
CA SER B 106 -8.64 6.94 14.82
C SER B 106 -8.20 5.51 15.14
N ASN B 107 -7.36 5.00 14.25
CA ASN B 107 -6.79 3.66 14.32
C ASN B 107 -5.31 3.79 14.02
N GLN B 108 -4.52 2.82 14.45
CA GLN B 108 -3.07 2.90 14.31
C GLN B 108 -2.56 1.66 13.57
N TYR B 109 -2.02 1.86 12.37
CA TYR B 109 -1.38 0.77 11.63
C TYR B 109 0.06 0.63 12.10
N ILE B 110 0.44 -0.58 12.46
CA ILE B 110 1.78 -0.91 12.93
C ILE B 110 2.26 -2.11 12.13
N SER B 111 3.51 -2.06 11.68
CA SER B 111 4.06 -3.21 10.97
C SER B 111 5.54 -3.36 11.31
N MET B 112 6.03 -4.58 11.11
CA MET B 112 7.44 -4.86 11.27
C MET B 112 7.87 -5.78 10.14
N GLY B 113 9.14 -5.68 9.76
CA GLY B 113 9.62 -6.50 8.66
C GLY B 113 11.11 -6.42 8.50
N ILE B 114 11.59 -6.89 7.34
CA ILE B 114 13.01 -7.04 7.07
C ILE B 114 13.34 -6.47 5.70
N LEU B 115 14.64 -6.30 5.46
CA LEU B 115 15.17 -5.96 4.14
C LEU B 115 15.52 -7.22 3.38
N VAL B 116 15.04 -7.32 2.15
CA VAL B 116 15.30 -8.46 1.27
C VAL B 116 15.78 -7.94 -0.08
N GLN B 117 16.89 -8.48 -0.57
CA GLN B 117 17.41 -8.07 -1.86
C GLN B 117 16.58 -8.69 -2.98
N THR B 118 16.25 -7.88 -3.98
CA THR B 118 15.52 -8.34 -5.15
C THR B 118 16.46 -8.54 -6.33
N ALA B 119 15.96 -9.22 -7.36
CA ALA B 119 16.72 -9.39 -8.59
C ALA B 119 16.87 -8.08 -9.36
N SER B 120 16.12 -7.04 -8.99
CA SER B 120 16.28 -5.73 -9.61
C SER B 120 17.57 -5.03 -9.19
N GLY B 121 18.30 -5.57 -8.20
CA GLY B 121 19.57 -5.03 -7.79
C GLY B 121 19.52 -4.15 -6.55
N TYR B 122 18.39 -4.08 -5.87
CA TYR B 122 18.23 -3.25 -4.68
C TYR B 122 17.28 -3.95 -3.74
N PRO B 123 17.29 -3.61 -2.45
CA PRO B 123 16.40 -4.28 -1.52
C PRO B 123 14.99 -3.71 -1.54
N MET B 124 14.07 -4.48 -0.99
CA MET B 124 12.72 -4.04 -0.73
C MET B 124 12.39 -4.31 0.73
N PHE B 125 11.40 -3.58 1.25
CA PHE B 125 10.96 -3.74 2.62
C PHE B 125 9.85 -4.80 2.66
N LYS B 126 10.14 -5.94 3.27
CA LYS B 126 9.21 -7.07 3.32
C LYS B 126 8.50 -7.07 4.67
N THR B 127 7.21 -6.78 4.67
CA THR B 127 6.42 -6.79 5.89
C THR B 127 6.24 -8.22 6.39
N LEU B 128 6.57 -8.44 7.66
CA LEU B 128 6.40 -9.75 8.28
C LEU B 128 5.28 -9.80 9.30
N LYS B 129 4.94 -8.68 9.94
CA LYS B 129 3.84 -8.68 10.90
C LYS B 129 3.08 -7.37 10.81
N ILE B 130 1.75 -7.45 10.96
CA ILE B 130 0.87 -6.29 10.92
C ILE B 130 -0.04 -6.33 12.15
N GLN B 131 -0.23 -5.16 12.76
CA GLN B 131 -1.22 -4.95 13.80
C GLN B 131 -2.01 -3.70 13.44
N TYR B 132 -3.33 -3.79 13.46
CA TYR B 132 -4.18 -2.64 13.19
C TYR B 132 -4.95 -2.37 14.48
N LEU B 133 -4.43 -1.44 15.31
CA LEU B 133 -5.07 -1.10 16.57
C LEU B 133 -6.31 -0.28 16.28
N SER B 134 -7.48 -0.90 16.48
CA SER B 134 -8.78 -0.34 16.12
C SER B 134 -9.77 -0.71 17.22
N ASP B 135 -9.77 0.07 18.31
CA ASP B 135 -10.61 -0.22 19.46
C ASP B 135 -11.34 1.00 19.99
N GLY B 136 -11.43 2.07 19.21
CA GLY B 136 -12.11 3.27 19.64
C GLY B 136 -11.28 4.23 20.45
N LEU B 137 -10.07 3.85 20.86
CA LEU B 137 -9.16 4.76 21.55
C LEU B 137 -8.34 5.54 20.54
N ASN B 138 -8.36 6.87 20.66
CA ASN B 138 -7.68 7.75 19.71
C ASN B 138 -6.22 7.93 20.12
N ARG B 139 -5.43 6.88 19.86
CA ARG B 139 -3.99 6.97 20.02
C ARG B 139 -3.41 7.92 18.97
N LYS B 140 -2.59 8.87 19.41
CA LYS B 140 -2.18 9.97 18.55
C LYS B 140 -0.72 10.31 18.78
N SER B 141 -0.09 10.86 17.73
CA SER B 141 1.31 11.31 17.73
C SER B 141 2.28 10.17 18.04
N CYS B 142 1.90 8.95 17.67
CA CYS B 142 2.64 7.76 18.10
C CYS B 142 4.06 7.72 17.53
N SER B 143 5.01 7.36 18.38
CA SER B 143 6.40 7.18 18.01
C SER B 143 6.78 5.71 18.15
N ILE B 144 7.50 5.18 17.16
CA ILE B 144 7.84 3.76 17.12
C ILE B 144 9.33 3.61 17.39
N ALA B 145 9.70 2.43 17.92
CA ALA B 145 11.09 2.07 18.15
C ALA B 145 11.27 0.59 17.89
N THR B 146 12.42 0.23 17.32
CA THR B 146 12.75 -1.17 17.10
C THR B 146 13.38 -1.75 18.36
N VAL B 147 12.82 -2.84 18.85
CA VAL B 147 13.28 -3.45 20.10
C VAL B 147 13.54 -4.92 19.85
N PRO B 148 14.24 -5.63 20.76
CA PRO B 148 14.45 -7.07 20.56
C PRO B 148 13.16 -7.82 20.29
N ASP B 149 13.12 -8.52 19.17
CA ASP B 149 12.02 -9.37 18.75
C ASP B 149 10.76 -8.58 18.40
N GLY B 150 10.86 -7.28 18.14
CA GLY B 150 9.64 -6.57 17.76
C GLY B 150 9.76 -5.07 17.80
N CYS B 151 8.66 -4.42 18.19
CA CYS B 151 8.54 -2.97 18.17
C CYS B 151 7.91 -2.49 19.47
N ALA B 152 8.23 -1.25 19.83
CA ALA B 152 7.61 -0.56 20.96
C ALA B 152 7.08 0.77 20.48
N MET B 153 5.88 1.13 20.92
CA MET B 153 5.21 2.33 20.44
C MET B 153 4.72 3.14 21.61
N TYR B 154 5.02 4.44 21.58
CA TYR B 154 4.61 5.39 22.61
C TYR B 154 3.55 6.29 22.00
N CYS B 155 2.35 6.28 22.58
CA CYS B 155 1.24 7.11 22.13
C CYS B 155 0.66 7.86 23.31
N TYR B 156 -0.14 8.88 23.02
CA TYR B 156 -1.07 9.41 23.99
C TYR B 156 -2.48 9.23 23.45
N VAL B 157 -3.45 9.14 24.37
CA VAL B 157 -4.86 8.99 24.00
C VAL B 157 -5.47 10.38 23.95
N SER B 158 -5.83 10.83 22.76
CA SER B 158 -6.38 12.16 22.57
C SER B 158 -7.90 12.13 22.69
N THR B 159 -8.44 13.00 23.54
CA THR B 159 -9.88 13.12 23.73
C THR B 159 -10.40 14.51 23.44
N GLN B 160 -9.55 15.43 23.00
CA GLN B 160 -9.93 16.82 22.82
C GLN B 160 -8.86 17.49 21.95
N LEU B 161 -9.05 18.78 21.71
CA LEU B 161 -8.09 19.56 20.94
C LEU B 161 -6.76 19.66 21.66
N GLU B 162 -5.68 19.76 20.88
CA GLU B 162 -4.35 19.97 21.45
C GLU B 162 -4.32 21.24 22.32
N THR B 163 -4.96 22.31 21.85
CA THR B 163 -5.02 23.54 22.63
C THR B 163 -5.77 23.33 23.94
N ASP B 164 -6.80 22.47 23.94
CA ASP B 164 -7.46 22.11 25.18
C ASP B 164 -6.53 21.34 26.11
N ASP B 165 -5.68 20.48 25.54
CA ASP B 165 -4.66 19.81 26.34
C ASP B 165 -3.79 20.83 27.06
N TYR B 166 -3.28 21.82 26.33
CA TYR B 166 -2.36 22.78 26.94
C TYR B 166 -3.08 23.72 27.91
N ALA B 167 -4.35 24.03 27.65
CA ALA B 167 -5.09 24.90 28.56
C ALA B 167 -5.39 24.19 29.88
N GLY B 168 -5.48 22.86 29.87
CA GLY B 168 -5.80 22.12 31.06
C GLY B 168 -4.65 22.07 32.05
N SER B 169 -4.86 21.28 33.10
CA SER B 169 -3.90 21.15 34.18
C SER B 169 -3.44 19.72 34.42
N SER B 170 -3.93 18.76 33.63
CA SER B 170 -3.60 17.35 33.84
C SER B 170 -3.32 16.68 32.50
N PRO B 171 -2.21 15.96 32.38
CA PRO B 171 -1.83 15.43 31.06
C PRO B 171 -2.76 14.31 30.63
N PRO B 172 -2.90 14.09 29.32
CA PRO B 172 -3.71 12.96 28.84
C PRO B 172 -3.03 11.62 29.15
N THR B 173 -3.78 10.55 28.90
CA THR B 173 -3.28 9.20 29.13
C THR B 173 -2.09 8.90 28.23
N GLN B 174 -1.03 8.35 28.83
CA GLN B 174 0.18 7.94 28.13
C GLN B 174 0.19 6.42 28.00
N LYS B 175 0.42 5.92 26.78
CA LYS B 175 0.35 4.50 26.48
C LYS B 175 1.66 3.99 25.90
N LEU B 176 2.07 2.81 26.35
CA LEU B 176 3.21 2.08 25.81
C LEU B 176 2.74 0.72 25.32
N THR B 177 2.95 0.44 24.03
CA THR B 177 2.51 -0.79 23.37
C THR B 177 3.74 -1.56 22.91
N LEU B 178 3.81 -2.83 23.27
CA LEU B 178 4.87 -3.73 22.82
C LEU B 178 4.25 -4.76 21.89
N LEU B 179 4.83 -4.90 20.70
CA LEU B 179 4.34 -5.84 19.70
C LEU B 179 5.49 -6.72 19.26
N PHE B 180 5.36 -8.03 19.48
CA PHE B 180 6.47 -8.95 19.29
C PHE B 180 6.22 -9.88 18.11
N TYR B 181 7.31 -10.44 17.61
CA TYR B 181 7.24 -11.30 16.43
C TYR B 181 6.41 -12.56 16.69
N ASN B 182 6.35 -13.01 17.94
CA ASN B 182 5.52 -14.16 18.30
C ASN B 182 4.03 -13.83 18.40
N ASP B 183 3.63 -12.67 17.87
CA ASP B 183 2.24 -12.21 17.79
C ASP B 183 1.67 -11.78 19.13
N THR B 184 2.51 -11.58 20.15
CA THR B 184 2.05 -11.04 21.42
C THR B 184 2.00 -9.52 21.34
N VAL B 185 0.91 -8.95 21.85
CA VAL B 185 0.74 -7.50 21.94
C VAL B 185 0.34 -7.16 23.37
N THR B 186 1.10 -6.26 24.00
CA THR B 186 0.84 -5.83 25.36
C THR B 186 0.79 -4.32 25.39
N GLU B 187 -0.20 -3.75 26.08
CA GLU B 187 -0.29 -2.30 26.17
C GLU B 187 -0.53 -1.91 27.62
N ARG B 188 0.16 -0.85 28.05
CA ARG B 188 0.06 -0.35 29.41
C ARG B 188 -0.08 1.16 29.43
N THR B 189 -0.84 1.65 30.40
CA THR B 189 -0.80 3.07 30.75
C THR B 189 0.41 3.33 31.64
N ILE B 190 1.19 4.34 31.31
CA ILE B 190 2.36 4.69 32.10
C ILE B 190 2.23 6.11 32.63
N SER B 191 2.84 6.34 33.78
CA SER B 191 2.94 7.67 34.41
C SER B 191 4.40 7.89 34.74
N PRO B 192 5.19 8.38 33.78
CA PRO B 192 6.64 8.50 34.00
C PRO B 192 6.97 9.44 35.15
N THR B 193 8.06 9.14 35.84
CA THR B 193 8.55 10.00 36.91
C THR B 193 8.79 11.41 36.39
N GLY B 194 8.22 12.39 37.08
CA GLY B 194 8.35 13.79 36.69
C GLY B 194 7.13 14.36 35.99
N LEU B 195 6.21 13.50 35.53
CA LEU B 195 5.06 13.97 34.76
C LEU B 195 4.04 14.67 35.65
N GLU B 196 3.49 13.94 36.62
CA GLU B 196 2.34 14.44 37.37
C GLU B 196 2.75 15.64 38.22
N GLY B 197 1.96 16.70 38.16
CA GLY B 197 2.23 17.92 38.90
C GLY B 197 3.08 18.93 38.18
N ASN B 198 3.80 18.51 37.13
CA ASN B 198 4.71 19.39 36.40
C ASN B 198 4.22 19.77 35.01
N TRP B 199 3.36 18.96 34.39
CA TRP B 199 2.98 19.15 32.99
C TRP B 199 1.49 19.34 32.86
N ALA B 200 1.09 20.30 32.01
CA ALA B 200 -0.30 20.37 31.58
C ALA B 200 -0.62 19.25 30.60
N THR B 201 0.32 18.93 29.71
CA THR B 201 0.13 17.88 28.73
C THR B 201 1.50 17.38 28.28
N LEU B 202 1.51 16.17 27.74
CA LEU B 202 2.71 15.57 27.17
C LEU B 202 2.28 14.61 26.08
N VAL B 203 2.95 14.66 24.93
CA VAL B 203 2.64 13.78 23.82
C VAL B 203 3.96 13.24 23.26
N PRO B 204 3.92 12.12 22.54
CA PRO B 204 5.13 11.62 21.89
C PRO B 204 5.55 12.51 20.73
N GLY B 205 6.84 12.39 20.39
CA GLY B 205 7.47 13.26 19.40
C GLY B 205 7.29 12.87 17.95
N VAL B 206 6.53 11.82 17.66
CA VAL B 206 6.22 11.34 16.31
C VAL B 206 7.42 10.62 15.71
N GLY B 207 8.58 11.28 15.66
CA GLY B 207 9.77 10.63 15.17
C GLY B 207 10.13 9.41 16.01
N SER B 208 10.83 8.47 15.38
CA SER B 208 11.11 7.20 16.03
C SER B 208 11.99 7.37 17.27
N GLY B 209 11.80 6.45 18.23
CA GLY B 209 12.70 6.31 19.35
C GLY B 209 13.77 5.27 19.08
N ILE B 210 14.49 4.91 20.15
CA ILE B 210 15.68 4.08 20.00
C ILE B 210 15.82 3.16 21.21
N TYR B 211 16.43 2.00 20.97
CA TYR B 211 16.82 1.07 22.01
C TYR B 211 18.34 1.10 22.12
N PHE B 212 18.84 1.39 23.32
CA PHE B 212 20.25 1.74 23.51
C PHE B 212 20.63 1.49 24.95
N GLU B 213 21.59 0.59 25.16
CA GLU B 213 22.14 0.29 26.49
C GLU B 213 21.03 -0.03 27.49
N ASN B 214 20.19 -1.00 27.12
CA ASN B 214 19.08 -1.46 27.95
C ASN B 214 18.08 -0.36 28.27
N LYS B 215 18.09 0.71 27.49
CA LYS B 215 17.15 1.82 27.66
C LYS B 215 16.32 1.99 26.40
N LEU B 216 15.03 2.18 26.57
CA LEU B 216 14.13 2.57 25.49
C LEU B 216 13.88 4.07 25.62
N ILE B 217 14.19 4.82 24.56
CA ILE B 217 14.18 6.28 24.62
C ILE B 217 13.30 6.82 23.49
N PHE B 218 12.24 7.53 23.86
CA PHE B 218 11.35 8.17 22.90
C PHE B 218 11.46 9.69 22.99
N PRO B 219 11.35 10.40 21.87
CA PRO B 219 11.16 11.84 21.94
C PRO B 219 9.75 12.16 22.42
N ALA B 220 9.62 13.30 23.08
CA ALA B 220 8.32 13.75 23.55
C ALA B 220 8.36 15.27 23.68
N TYR B 221 7.18 15.86 23.85
CA TYR B 221 7.09 17.29 24.10
C TYR B 221 5.72 17.60 24.68
N GLY B 222 5.62 18.75 25.32
CA GLY B 222 4.37 19.13 25.96
C GLY B 222 4.44 20.49 26.60
N GLY B 223 3.48 20.73 27.50
CA GLY B 223 3.41 22.00 28.19
C GLY B 223 3.71 21.87 29.67
N VAL B 224 4.71 22.61 30.13
CA VAL B 224 5.11 22.64 31.52
C VAL B 224 4.34 23.77 32.22
N LEU B 225 3.79 23.43 33.39
CA LEU B 225 3.07 24.39 34.22
C LEU B 225 4.06 25.40 34.78
N PRO B 226 3.92 26.69 34.48
CA PRO B 226 4.92 27.67 34.93
C PRO B 226 5.14 27.70 36.43
N ASN B 227 4.11 27.43 37.22
CA ASN B 227 4.21 27.52 38.68
C ASN B 227 4.67 26.22 39.33
N SER B 228 4.90 25.17 38.55
CA SER B 228 5.33 23.90 39.13
C SER B 228 6.82 23.97 39.49
N THR B 229 7.30 22.91 40.13
CA THR B 229 8.72 22.80 40.46
C THR B 229 9.58 22.92 39.21
N LEU B 230 9.30 22.09 38.21
CA LEU B 230 10.04 22.15 36.94
C LEU B 230 9.89 23.50 36.27
N GLY B 231 8.66 24.06 36.30
CA GLY B 231 8.45 25.36 35.68
C GLY B 231 9.25 26.46 36.34
N VAL B 232 9.34 26.43 37.67
CA VAL B 232 10.10 27.44 38.39
C VAL B 232 11.59 27.27 38.15
N LYS B 233 12.07 26.02 38.17
CA LYS B 233 13.50 25.77 38.04
C LYS B 233 14.05 26.25 36.70
N SER B 234 13.24 26.13 35.63
CA SER B 234 13.68 26.44 34.27
C SER B 234 13.16 27.78 33.76
N ALA B 235 12.68 28.65 34.65
CA ALA B 235 11.94 29.84 34.23
C ALA B 235 12.76 30.76 33.33
N ARG B 236 14.07 30.86 33.56
CA ARG B 236 14.92 31.80 32.82
C ARG B 236 15.66 31.17 31.65
N GLU B 237 15.45 29.88 31.37
CA GLU B 237 16.22 29.19 30.35
C GLU B 237 15.74 29.55 28.95
N PHE B 238 16.69 29.81 28.05
CA PHE B 238 16.37 30.10 26.67
C PHE B 238 17.60 29.83 25.80
N PHE B 239 17.35 29.63 24.51
CA PHE B 239 18.40 29.41 23.53
C PHE B 239 18.06 30.25 22.32
N ARG B 240 19.01 31.07 21.86
CA ARG B 240 18.80 31.95 20.71
C ARG B 240 19.88 31.70 19.68
N PRO B 241 19.66 30.74 18.77
CA PRO B 241 20.62 30.53 17.68
C PRO B 241 20.65 31.72 16.72
N VAL B 242 21.84 31.98 16.19
CA VAL B 242 22.04 33.08 15.24
C VAL B 242 22.73 32.50 14.00
N ASN B 243 22.18 32.79 12.84
CA ASN B 243 22.82 32.44 11.58
C ASN B 243 23.79 33.55 11.23
N PRO B 244 25.10 33.28 11.28
CA PRO B 244 26.08 34.35 11.03
C PRO B 244 25.98 34.94 9.63
N TYR B 245 25.38 34.21 8.69
CA TYR B 245 25.14 34.75 7.35
C TYR B 245 23.83 35.51 7.26
N ASN B 246 22.86 35.22 8.14
CA ASN B 246 21.56 35.89 8.13
C ASN B 246 21.14 36.18 9.56
N PRO B 247 21.76 37.16 10.21
CA PRO B 247 21.45 37.43 11.61
C PRO B 247 20.17 38.25 11.74
N CYS B 248 19.54 38.12 12.91
CA CYS B 248 18.43 39.00 13.24
C CYS B 248 18.99 40.31 13.80
N SER B 249 18.47 41.43 13.30
CA SER B 249 18.94 42.74 13.74
C SER B 249 18.31 43.10 15.07
N GLY B 250 19.13 43.59 16.00
CA GLY B 250 18.65 44.02 17.28
C GLY B 250 19.65 43.83 18.41
N PRO B 251 19.40 44.48 19.54
CA PRO B 251 20.31 44.33 20.68
C PRO B 251 20.21 42.95 21.31
N GLN B 252 21.34 42.51 21.89
CA GLN B 252 21.40 41.17 22.47
C GLN B 252 20.34 40.98 23.55
N GLN B 253 20.16 41.97 24.43
CA GLN B 253 19.28 41.80 25.56
C GLN B 253 17.82 41.74 25.15
N ASP B 254 17.39 42.60 24.22
CA ASP B 254 16.02 42.56 23.74
C ASP B 254 15.74 41.27 22.99
N LEU B 255 16.67 40.84 22.12
CA LEU B 255 16.49 39.59 21.39
C LEU B 255 16.45 38.41 22.35
N ASP B 256 17.26 38.45 23.41
CA ASP B 256 17.24 37.38 24.40
C ASP B 256 15.90 37.33 25.12
N GLN B 257 15.37 38.49 25.49
CA GLN B 257 14.05 38.51 26.12
C GLN B 257 12.98 37.96 25.18
N ARG B 258 13.05 38.33 23.90
CA ARG B 258 12.09 37.78 22.94
C ARG B 258 12.23 36.28 22.80
N ALA B 259 13.47 35.77 22.77
CA ALA B 259 13.68 34.34 22.67
C ALA B 259 13.13 33.60 23.88
N LEU B 260 13.33 34.19 25.07
CA LEU B 260 12.73 33.61 26.27
C LEU B 260 11.20 33.60 26.17
N ARG B 261 10.63 34.72 25.72
CA ARG B 261 9.18 34.82 25.56
C ARG B 261 8.64 33.81 24.55
N SER B 262 9.44 33.43 23.55
CA SER B 262 8.98 32.53 22.51
C SER B 262 8.67 31.13 23.02
N TYR B 263 9.11 30.78 24.23
CA TYR B 263 8.80 29.47 24.78
C TYR B 263 7.39 29.37 25.35
N PHE B 264 6.68 30.50 25.48
CA PHE B 264 5.36 30.55 26.12
C PHE B 264 4.33 31.11 25.15
N PRO B 265 4.02 30.40 24.07
CA PRO B 265 3.06 30.94 23.10
C PRO B 265 1.67 30.97 23.67
N SER B 266 0.96 32.08 23.40
CA SER B 266 -0.44 32.17 23.82
C SER B 266 -1.29 31.11 23.17
N TYR B 267 -0.86 30.58 22.02
CA TYR B 267 -1.58 29.49 21.37
C TYR B 267 -1.67 28.26 22.27
N PHE B 268 -0.65 28.01 23.08
CA PHE B 268 -0.65 26.91 24.04
C PHE B 268 -0.83 27.42 25.47
N SER B 269 -1.62 28.49 25.63
CA SER B 269 -2.02 29.01 26.94
C SER B 269 -0.84 29.49 27.76
N ASN B 270 0.25 29.87 27.11
CA ASN B 270 1.46 30.42 27.74
C ASN B 270 2.11 29.43 28.70
N ARG B 271 1.82 28.14 28.56
CA ARG B 271 2.66 27.13 29.21
C ARG B 271 4.08 27.22 28.65
N ARG B 272 5.04 26.68 29.40
CA ARG B 272 6.37 26.54 28.82
C ARG B 272 6.37 25.32 27.92
N VAL B 273 6.46 25.52 26.61
CA VAL B 273 6.42 24.39 25.69
C VAL B 273 7.81 23.78 25.60
N GLN B 274 7.91 22.48 25.91
CA GLN B 274 9.16 21.86 26.32
C GLN B 274 9.32 20.49 25.68
N SER B 275 10.49 20.26 25.09
CA SER B 275 10.90 18.93 24.64
C SER B 275 11.38 18.10 25.83
N ALA B 276 11.22 16.79 25.72
CA ALA B 276 11.66 15.87 26.77
C ALA B 276 11.90 14.49 26.16
N PHE B 277 12.47 13.60 26.97
CA PHE B 277 12.76 12.25 26.56
C PHE B 277 12.10 11.28 27.52
N LEU B 278 11.31 10.35 26.98
CA LEU B 278 10.74 9.27 27.76
C LEU B 278 11.77 8.13 27.80
N VAL B 279 12.27 7.81 28.99
CA VAL B 279 13.32 6.81 29.17
C VAL B 279 12.76 5.67 30.00
N CYS B 280 12.82 4.45 29.46
CA CYS B 280 12.28 3.27 30.11
C CYS B 280 13.38 2.22 30.23
N ALA B 281 13.44 1.55 31.39
CA ALA B 281 14.35 0.42 31.57
C ALA B 281 13.77 -0.80 30.86
N TRP B 282 14.47 -1.28 29.82
CA TRP B 282 13.94 -2.37 29.02
C TRP B 282 13.78 -3.65 29.83
N ASN B 283 14.76 -3.96 30.70
CA ASN B 283 14.64 -5.18 31.49
C ASN B 283 13.49 -5.13 32.50
N GLN B 284 12.91 -3.95 32.74
CA GLN B 284 11.74 -3.81 33.58
C GLN B 284 10.54 -3.27 32.80
N ILE B 285 10.55 -3.46 31.48
CA ILE B 285 9.59 -2.79 30.60
C ILE B 285 8.16 -3.20 30.90
N LEU B 286 7.96 -4.38 31.49
CA LEU B 286 6.61 -4.84 31.79
C LEU B 286 6.02 -4.17 33.03
N VAL B 287 6.85 -3.59 33.88
CA VAL B 287 6.36 -3.02 35.14
C VAL B 287 6.79 -1.58 35.36
N THR B 288 7.86 -1.10 34.75
CA THR B 288 8.35 0.24 35.05
C THR B 288 7.40 1.31 34.53
N ASN B 289 7.40 2.46 35.22
CA ASN B 289 6.64 3.60 34.76
C ASN B 289 7.44 4.53 33.86
N CYS B 290 8.74 4.26 33.69
CA CYS B 290 9.66 5.11 32.91
C CYS B 290 9.86 6.45 33.62
N GLU B 291 10.64 7.33 33.00
CA GLU B 291 10.94 8.63 33.59
C GLU B 291 11.10 9.66 32.48
N LEU B 292 10.74 10.89 32.81
CA LEU B 292 10.93 12.02 31.91
C LEU B 292 12.30 12.64 32.19
N VAL B 293 13.14 12.71 31.16
CA VAL B 293 14.41 13.39 31.22
C VAL B 293 14.28 14.66 30.39
N VAL B 294 14.40 15.81 31.05
CA VAL B 294 14.06 17.10 30.46
C VAL B 294 15.36 17.85 30.20
N PRO B 295 15.65 18.23 28.97
CA PRO B 295 16.87 18.99 28.69
C PRO B 295 16.73 20.45 29.12
N SER B 296 17.88 21.08 29.32
CA SER B 296 17.92 22.51 29.62
C SER B 296 17.51 23.30 28.38
N ASN B 297 16.63 24.28 28.57
CA ASN B 297 16.25 25.14 27.46
C ASN B 297 17.32 26.16 27.11
N ASN B 298 18.44 26.18 27.83
CA ASN B 298 19.62 26.89 27.37
C ASN B 298 20.24 26.23 26.15
N GLN B 299 19.91 24.97 25.90
CA GLN B 299 20.52 24.18 24.84
C GLN B 299 19.53 23.80 23.74
N THR B 300 18.25 24.15 23.87
CA THR B 300 17.24 23.69 22.92
C THR B 300 16.13 24.71 22.82
N LEU B 301 15.45 24.68 21.67
CA LEU B 301 14.37 25.61 21.38
C LEU B 301 13.06 25.09 21.96
N MET B 302 12.00 25.87 21.75
CA MET B 302 10.67 25.49 22.20
C MET B 302 10.34 24.05 21.84
N GLY B 303 9.72 23.33 22.77
CA GLY B 303 9.36 21.94 22.58
C GLY B 303 8.62 21.66 21.30
N ALA B 304 8.87 20.50 20.71
CA ALA B 304 8.31 20.16 19.41
C ALA B 304 8.49 18.67 19.18
N GLU B 305 7.91 18.20 18.06
CA GLU B 305 8.19 16.86 17.59
C GLU B 305 9.68 16.68 17.38
N GLY B 306 10.13 15.43 17.39
CA GLY B 306 11.53 15.16 17.21
C GLY B 306 11.78 13.69 16.97
N ARG B 307 13.06 13.34 16.93
CA ARG B 307 13.47 11.98 16.65
C ARG B 307 14.78 11.69 17.37
N VAL B 308 14.91 10.48 17.91
CA VAL B 308 16.14 10.04 18.55
C VAL B 308 16.84 9.04 17.64
N LEU B 309 18.11 9.33 17.32
CA LEU B 309 18.93 8.47 16.48
C LEU B 309 20.09 7.91 17.28
N LEU B 310 20.56 6.74 16.85
CA LEU B 310 21.77 6.12 17.40
C LEU B 310 22.64 5.69 16.23
N ILE B 311 23.73 6.40 16.01
CA ILE B 311 24.63 6.14 14.89
C ILE B 311 26.05 6.05 15.43
N ASN B 312 26.74 4.96 15.10
CA ASN B 312 28.08 4.69 15.65
C ASN B 312 28.08 4.77 17.16
N ASN B 313 27.01 4.26 17.78
CA ASN B 313 26.86 4.29 19.24
C ASN B 313 26.91 5.72 19.78
N ARG B 314 26.41 6.67 19.00
CA ARG B 314 26.33 8.08 19.40
C ARG B 314 24.89 8.54 19.22
N LEU B 315 24.32 9.18 20.24
CA LEU B 315 22.92 9.58 20.23
C LEU B 315 22.74 10.99 19.67
N LEU B 316 21.69 11.13 18.85
CA LEU B 316 21.34 12.40 18.24
C LEU B 316 19.86 12.66 18.44
N TYR B 317 19.49 13.94 18.45
CA TYR B 317 18.10 14.36 18.58
C TYR B 317 17.77 15.37 17.48
N TYR B 318 16.85 15.01 16.59
CA TYR B 318 16.27 15.98 15.68
C TYR B 318 15.10 16.66 16.37
N GLN B 319 15.01 17.98 16.20
CA GLN B 319 13.91 18.76 16.75
C GLN B 319 13.21 19.50 15.63
N ARG B 320 11.91 19.26 15.49
CA ARG B 320 11.13 20.01 14.51
C ARG B 320 11.21 21.50 14.81
N SER B 321 11.32 22.30 13.76
CA SER B 321 11.41 23.76 13.91
C SER B 321 10.01 24.38 14.01
N THR B 322 9.32 23.98 15.08
CA THR B 322 8.00 24.53 15.36
C THR B 322 8.08 25.98 15.83
N SER B 323 9.23 26.40 16.35
CA SER B 323 9.41 27.75 16.85
C SER B 323 9.95 28.64 15.73
N TRP B 324 10.39 29.84 16.10
CA TRP B 324 10.78 30.88 15.14
C TRP B 324 12.02 30.51 14.32
N TRP B 325 12.89 29.64 14.81
CA TRP B 325 14.13 29.32 14.10
C TRP B 325 13.84 28.38 12.94
N PRO B 326 14.08 28.79 11.70
CA PRO B 326 13.59 28.01 10.54
C PRO B 326 14.56 26.98 9.97
N TYR B 327 15.76 26.85 10.51
CA TYR B 327 16.73 25.92 9.94
C TYR B 327 16.64 24.56 10.63
N GLU B 328 17.35 23.60 10.05
CA GLU B 328 17.27 22.22 10.52
C GLU B 328 17.96 22.06 11.86
N LEU B 329 17.25 21.48 12.84
CA LEU B 329 17.74 21.35 14.21
C LEU B 329 18.15 19.91 14.49
N LEU B 330 19.44 19.69 14.68
CA LEU B 330 20.00 18.39 15.06
C LEU B 330 20.98 18.61 16.19
N TYR B 331 20.85 17.82 17.26
CA TYR B 331 21.68 17.93 18.45
C TYR B 331 22.41 16.63 18.68
N GLU B 332 23.67 16.74 19.11
CA GLU B 332 24.39 15.62 19.68
C GLU B 332 24.02 15.53 21.15
N ILE B 333 23.52 14.38 21.62
CA ILE B 333 23.00 14.29 22.98
C ILE B 333 23.69 13.16 23.73
N SER B 334 23.75 13.30 25.05
CA SER B 334 24.26 12.23 25.90
C SER B 334 23.53 12.27 27.24
N PHE B 335 23.21 11.09 27.76
CA PHE B 335 22.48 10.96 29.01
C PHE B 335 23.41 10.60 30.15
N THR B 336 23.08 11.09 31.35
CA THR B 336 23.72 10.71 32.60
C THR B 336 22.68 10.04 33.49
N PHE B 337 22.81 8.72 33.64
CA PHE B 337 21.95 7.93 34.51
C PHE B 337 22.67 7.65 35.82
N THR B 338 22.10 8.10 36.94
CA THR B 338 22.65 7.86 38.27
C THR B 338 21.74 6.94 39.08
N ASN B 339 20.75 6.33 38.43
CA ASN B 339 19.73 5.43 39.02
C ASN B 339 19.02 6.01 40.24
N SER B 340 18.92 7.33 40.34
CA SER B 340 18.22 7.94 41.47
C SER B 340 17.17 8.92 40.98
N GLY B 341 16.52 8.59 39.86
CA GLY B 341 15.46 9.38 39.26
C GLY B 341 15.85 10.82 38.97
N GLN B 342 17.14 11.11 39.07
CA GLN B 342 17.71 12.42 38.72
C GLN B 342 18.53 12.37 37.45
N SER B 343 18.20 11.46 36.54
CA SER B 343 18.91 11.37 35.27
C SER B 343 18.85 12.71 34.55
N SER B 344 19.90 12.98 33.77
CA SER B 344 19.99 14.24 33.03
C SER B 344 20.38 13.95 31.59
N VAL B 345 20.19 14.95 30.74
CA VAL B 345 20.61 14.88 29.35
C VAL B 345 21.34 16.17 29.00
N ASN B 346 22.39 16.05 28.22
CA ASN B 346 23.16 17.18 27.72
C ASN B 346 23.09 17.19 26.21
N MET B 347 22.87 18.37 25.64
CA MET B 347 22.68 18.51 24.20
C MET B 347 23.61 19.56 23.64
N SER B 348 24.09 19.31 22.42
CA SER B 348 25.05 20.16 21.73
C SER B 348 24.57 20.36 20.31
N TRP B 349 24.07 21.56 20.03
CA TRP B 349 23.53 21.90 18.72
C TRP B 349 24.59 21.77 17.62
N ILE B 350 24.25 21.06 16.55
CA ILE B 350 25.07 21.09 15.33
C ILE B 350 24.64 22.32 14.55
N PRO B 351 25.53 23.29 14.33
CA PRO B 351 25.10 24.56 13.73
C PRO B 351 24.82 24.46 12.24
N ILE B 352 23.55 24.33 11.88
CA ILE B 352 23.11 24.13 10.50
C ILE B 352 22.33 25.36 10.06
N TYR B 353 22.68 25.89 8.88
CA TYR B 353 22.10 27.11 8.34
C TYR B 353 21.66 26.96 6.89
N SER B 354 21.40 25.73 6.44
CA SER B 354 21.33 25.47 5.00
C SER B 354 19.98 25.86 4.40
N PHE B 355 18.94 25.10 4.69
CA PHE B 355 17.63 25.31 4.07
C PHE B 355 16.62 25.62 5.16
N THR B 356 15.48 26.16 4.74
CA THR B 356 14.45 26.60 5.65
C THR B 356 13.18 25.78 5.47
N ARG B 357 12.36 25.68 6.58
CA ARG B 357 11.08 24.98 6.51
C ARG B 357 9.93 25.97 6.34
N PRO B 358 8.83 25.56 5.70
CA PRO B 358 7.71 26.49 5.52
C PRO B 358 6.97 26.78 6.82
N GLY B 359 6.45 27.98 6.92
CA GLY B 359 5.67 28.41 8.07
C GLY B 359 4.72 29.51 7.68
N SER B 360 3.84 29.85 8.62
CA SER B 360 2.78 30.82 8.36
C SER B 360 3.10 32.16 9.03
N GLY B 361 2.66 33.23 8.36
CA GLY B 361 2.68 34.55 8.97
C GLY B 361 4.08 35.02 9.35
N ASN B 362 4.25 35.37 10.62
CA ASN B 362 5.54 35.80 11.16
C ASN B 362 6.50 34.65 11.40
N CYS B 363 6.11 33.42 11.08
CA CYS B 363 6.91 32.23 11.36
C CYS B 363 7.28 31.51 10.06
N SER B 364 7.34 32.24 8.96
CA SER B 364 7.70 31.63 7.69
C SER B 364 9.19 31.30 7.66
N GLY B 365 9.60 30.66 6.57
CA GLY B 365 10.99 30.30 6.36
C GLY B 365 11.93 31.49 6.23
N GLU B 366 11.40 32.68 5.99
CA GLU B 366 12.22 33.88 5.88
C GLU B 366 12.49 34.57 7.20
N ASN B 367 11.77 34.21 8.26
CA ASN B 367 11.95 34.83 9.57
C ASN B 367 13.07 34.13 10.33
N VAL B 368 13.98 34.91 10.90
CA VAL B 368 15.06 34.39 11.72
C VAL B 368 15.09 35.15 13.05
N CYS B 369 13.99 35.84 13.38
CA CYS B 369 13.96 36.67 14.57
C CYS B 369 13.08 36.04 15.65
N PRO B 370 13.48 36.14 16.92
CA PRO B 370 12.71 35.51 18.00
C PRO B 370 11.32 36.07 18.14
N THR B 371 10.32 35.20 17.97
CA THR B 371 8.94 35.55 18.21
C THR B 371 8.17 34.29 18.60
N ALA B 372 6.98 34.48 19.16
CA ALA B 372 6.15 33.35 19.59
C ALA B 372 5.60 32.62 18.37
N CYS B 373 6.09 31.40 18.14
CA CYS B 373 5.72 30.63 16.96
C CYS B 373 5.29 29.23 17.34
N VAL B 374 4.16 28.79 16.78
CA VAL B 374 3.79 27.38 16.70
C VAL B 374 3.50 27.14 15.22
N SER B 375 4.48 26.61 14.51
CA SER B 375 4.44 26.58 13.04
C SER B 375 5.36 25.46 12.58
N GLY B 376 5.75 25.51 11.31
CA GLY B 376 6.72 24.56 10.81
C GLY B 376 6.06 23.28 10.35
N VAL B 377 6.90 22.23 10.26
CA VAL B 377 6.48 20.92 9.76
C VAL B 377 7.60 19.92 10.07
N TYR B 378 7.25 18.66 10.27
CA TYR B 378 8.23 17.63 10.58
C TYR B 378 9.00 17.25 9.32
N LEU B 379 10.32 17.48 9.35
CA LEU B 379 11.21 17.12 8.23
C LEU B 379 12.55 16.72 8.85
N ASP B 380 12.75 15.41 9.07
CA ASP B 380 13.94 15.06 9.83
C ASP B 380 15.12 14.79 8.92
N PRO B 381 16.34 14.88 9.46
CA PRO B 381 17.53 14.62 8.63
C PRO B 381 18.16 13.27 8.93
N TRP B 382 18.99 12.78 8.02
CA TRP B 382 19.82 11.61 8.30
C TRP B 382 21.26 12.05 8.10
N PRO B 383 22.07 12.05 9.16
CA PRO B 383 23.46 12.51 9.03
C PRO B 383 24.32 11.44 8.37
N LEU B 384 25.04 11.84 7.33
CA LEU B 384 25.93 10.93 6.62
C LEU B 384 27.32 10.90 7.23
N THR B 385 27.66 11.89 8.04
CA THR B 385 28.97 12.10 8.63
C THR B 385 28.82 12.35 10.13
N PRO B 386 29.82 11.99 10.93
CA PRO B 386 29.86 12.50 12.30
C PRO B 386 30.13 13.99 12.28
N TYR B 387 29.69 14.68 13.32
CA TYR B 387 30.05 16.08 13.50
C TYR B 387 31.16 16.26 14.53
N SER B 388 30.95 15.77 15.73
CA SER B 388 31.99 15.75 16.76
C SER B 388 32.60 14.35 16.79
N HIS B 389 33.92 14.29 16.73
CA HIS B 389 34.62 13.02 16.84
C HIS B 389 35.80 13.19 17.78
N GLN B 390 36.41 12.05 18.13
CA GLN B 390 37.47 12.03 19.12
C GLN B 390 38.60 12.99 18.76
N SER B 391 38.90 13.13 17.47
CA SER B 391 39.99 14.00 17.05
C SER B 391 39.59 15.47 17.03
N GLY B 392 38.31 15.76 16.84
CA GLY B 392 37.88 17.15 16.68
C GLY B 392 36.48 17.24 16.13
N ILE B 393 36.25 18.29 15.34
CA ILE B 393 34.93 18.60 14.80
C ILE B 393 35.02 18.63 13.28
N ASN B 394 34.10 17.90 12.63
CA ASN B 394 34.09 17.75 11.18
C ASN B 394 33.29 18.90 10.59
N ARG B 395 34.00 19.89 10.03
CA ARG B 395 33.31 20.98 9.34
C ARG B 395 32.70 20.51 8.03
N ASN B 396 33.19 19.41 7.47
CA ASN B 396 32.58 18.80 6.28
C ASN B 396 31.49 17.83 6.72
N PHE B 397 30.44 18.40 7.28
CA PHE B 397 29.28 17.66 7.77
C PHE B 397 28.25 17.61 6.66
N TYR B 398 27.67 16.43 6.41
CA TYR B 398 26.67 16.26 5.37
C TYR B 398 25.49 15.47 5.91
N PHE B 399 24.30 15.88 5.53
CA PHE B 399 23.09 15.15 5.89
C PHE B 399 22.13 15.16 4.72
N THR B 400 21.16 14.27 4.75
CA THR B 400 20.25 14.13 3.62
C THR B 400 18.82 13.96 4.12
N GLY B 401 17.88 14.33 3.27
CA GLY B 401 16.48 14.17 3.66
C GLY B 401 15.54 14.68 2.60
N ALA B 402 14.30 14.95 3.00
CA ALA B 402 13.30 15.54 2.12
C ALA B 402 12.80 16.85 2.72
N LEU B 403 12.91 17.92 1.97
CA LEU B 403 12.42 19.23 2.38
C LEU B 403 11.19 19.61 1.57
N LEU B 404 10.55 20.70 1.98
CA LEU B 404 9.41 21.27 1.27
C LEU B 404 9.85 22.62 0.72
N ASN B 405 9.91 22.73 -0.60
CA ASN B 405 10.55 23.88 -1.25
C ASN B 405 9.54 25.03 -1.33
N SER B 406 9.39 25.70 -0.19
CA SER B 406 8.54 26.88 -0.05
C SER B 406 8.79 27.45 1.34
N SER B 407 8.75 28.78 1.44
CA SER B 407 8.92 29.41 2.74
C SER B 407 7.61 29.53 3.52
N THR B 408 6.48 29.31 2.86
CA THR B 408 5.17 29.55 3.46
C THR B 408 4.21 28.36 3.38
N THR B 409 4.43 27.42 2.47
CA THR B 409 3.42 26.42 2.11
C THR B 409 4.05 25.04 2.12
N ARG B 410 3.29 24.05 2.58
CA ARG B 410 3.74 22.66 2.60
C ARG B 410 3.53 22.09 1.20
N VAL B 411 4.54 22.29 0.35
CA VAL B 411 4.43 21.97 -1.07
C VAL B 411 5.84 21.72 -1.60
N ASN B 412 5.91 21.08 -2.77
CA ASN B 412 7.15 20.82 -3.50
C ASN B 412 8.12 19.94 -2.72
N PRO B 413 7.78 18.67 -2.48
CA PRO B 413 8.72 17.78 -1.79
C PRO B 413 9.97 17.59 -2.63
N THR B 414 11.13 17.69 -1.97
CA THR B 414 12.41 17.67 -2.67
C THR B 414 13.42 16.89 -1.86
N LEU B 415 13.99 15.84 -2.45
CA LEU B 415 15.10 15.14 -1.82
C LEU B 415 16.35 16.00 -1.89
N TYR B 416 17.16 15.97 -0.85
CA TYR B 416 18.33 16.84 -0.81
C TYR B 416 19.47 16.14 -0.09
N VAL B 417 20.69 16.56 -0.46
CA VAL B 417 21.86 16.43 0.39
C VAL B 417 22.36 17.84 0.68
N SER B 418 22.63 18.10 1.96
CA SER B 418 22.97 19.41 2.48
C SER B 418 24.28 19.35 3.26
N ALA B 419 25.06 20.43 3.15
CA ALA B 419 26.20 20.68 4.03
C ALA B 419 25.71 21.53 5.21
N LEU B 420 26.65 22.03 6.01
CA LEU B 420 26.28 22.89 7.13
C LEU B 420 25.65 24.20 6.66
N ASN B 421 26.23 24.83 5.64
CA ASN B 421 25.84 26.18 5.23
C ASN B 421 25.06 26.23 3.93
N ASN B 422 25.02 25.14 3.16
CA ASN B 422 24.46 25.20 1.82
C ASN B 422 24.03 23.81 1.39
N LEU B 423 23.16 23.77 0.38
CA LEU B 423 22.69 22.51 -0.18
C LEU B 423 23.67 21.98 -1.21
N LYS B 424 23.91 20.66 -1.17
CA LYS B 424 24.82 20.05 -2.13
C LYS B 424 24.10 19.54 -3.37
N VAL B 425 22.90 18.96 -3.21
CA VAL B 425 22.16 18.49 -4.39
C VAL B 425 20.67 18.43 -4.04
N LEU B 426 19.83 18.64 -5.07
CA LEU B 426 18.38 18.65 -4.97
C LEU B 426 17.76 17.78 -6.04
N ALA B 427 16.67 17.06 -5.69
CA ALA B 427 15.93 16.22 -6.63
C ALA B 427 14.45 16.25 -6.25
N PRO B 428 13.65 17.06 -6.95
CA PRO B 428 12.21 17.09 -6.65
C PRO B 428 11.56 15.73 -6.85
N TYR B 429 10.54 15.45 -6.05
CA TYR B 429 9.64 14.34 -6.31
C TYR B 429 8.34 14.88 -6.88
N GLY B 430 7.98 14.44 -8.07
CA GLY B 430 6.75 14.87 -8.69
C GLY B 430 6.87 16.25 -9.30
N ASN B 431 5.71 16.80 -9.64
CA ASN B 431 5.63 18.09 -10.31
C ASN B 431 5.61 19.24 -9.32
N GLN B 432 5.96 20.43 -9.82
CA GLN B 432 5.83 21.64 -9.04
C GLN B 432 4.37 21.83 -8.62
N GLY B 433 4.17 22.21 -7.36
CA GLY B 433 2.84 22.41 -6.83
C GLY B 433 2.26 21.21 -6.11
N LEU B 434 2.96 20.08 -6.08
CA LEU B 434 2.49 18.91 -5.35
C LEU B 434 2.54 19.17 -3.85
N PHE B 435 1.40 19.05 -3.19
CA PHE B 435 1.33 19.23 -1.75
C PHE B 435 1.96 18.03 -1.02
N ALA B 436 2.66 18.32 0.06
CA ALA B 436 3.34 17.30 0.86
C ALA B 436 3.56 17.85 2.27
N SER B 437 3.77 16.95 3.22
CA SER B 437 3.96 17.37 4.60
C SER B 437 5.14 16.69 5.30
N TYR B 438 4.86 15.81 6.27
CA TYR B 438 5.92 15.20 7.06
C TYR B 438 6.82 14.33 6.20
N THR B 439 8.13 14.36 6.49
CA THR B 439 9.10 13.48 5.86
C THR B 439 10.06 12.93 6.91
N THR B 440 10.39 11.65 6.80
CA THR B 440 11.39 11.03 7.65
C THR B 440 12.32 10.18 6.79
N THR B 441 13.62 10.33 7.00
CA THR B 441 14.62 9.75 6.11
C THR B 441 15.56 8.84 6.90
N THR B 442 15.89 7.69 6.30
CA THR B 442 16.87 6.77 6.87
C THR B 442 17.77 6.25 5.77
N CYS B 443 19.08 6.24 6.00
CA CYS B 443 20.03 5.69 5.05
C CYS B 443 20.78 4.50 5.66
N PHE B 444 21.21 3.60 4.78
CA PHE B 444 21.92 2.40 5.17
C PHE B 444 22.79 1.95 4.00
N GLN B 445 23.73 1.05 4.29
CA GLN B 445 24.68 0.61 3.27
C GLN B 445 24.62 -0.89 3.07
N ASP B 446 24.67 -1.29 1.80
CA ASP B 446 24.88 -2.67 1.39
C ASP B 446 26.38 -2.96 1.47
N THR B 447 26.80 -3.74 2.46
CA THR B 447 28.23 -4.03 2.61
C THR B 447 28.72 -5.09 1.64
N GLY B 448 27.87 -5.56 0.73
CA GLY B 448 28.29 -6.46 -0.33
C GLY B 448 28.79 -5.74 -1.56
N ASP B 449 28.04 -4.75 -2.03
CA ASP B 449 28.41 -3.98 -3.22
C ASP B 449 28.71 -2.52 -2.93
N ALA B 450 28.68 -2.12 -1.66
CA ALA B 450 28.96 -0.76 -1.17
C ALA B 450 27.89 0.25 -1.57
N SER B 451 26.75 -0.20 -2.10
CA SER B 451 25.68 0.73 -2.44
C SER B 451 25.14 1.42 -1.19
N VAL B 452 24.92 2.72 -1.30
CA VAL B 452 24.33 3.51 -0.22
C VAL B 452 22.88 3.80 -0.59
N TYR B 453 21.95 3.38 0.25
CA TYR B 453 20.52 3.56 0.02
C TYR B 453 19.95 4.52 1.05
N CYS B 454 19.08 5.40 0.58
CA CYS B 454 18.31 6.27 1.47
C CYS B 454 16.83 6.11 1.14
N VAL B 455 16.02 5.88 2.16
CA VAL B 455 14.56 5.86 2.02
C VAL B 455 14.03 7.17 2.60
N TYR B 456 13.31 7.90 1.76
CA TYR B 456 12.65 9.16 2.10
C TYR B 456 11.16 8.85 2.18
N ILE B 457 10.64 8.79 3.40
CA ILE B 457 9.23 8.51 3.64
C ILE B 457 8.51 9.84 3.73
N MET B 458 7.57 10.09 2.81
CA MET B 458 6.99 11.41 2.65
C MET B 458 5.46 11.32 2.60
N GLU B 459 4.79 12.19 3.36
CA GLU B 459 3.35 12.40 3.20
C GLU B 459 3.11 13.16 1.91
N LEU B 460 2.50 12.52 0.91
CA LEU B 460 2.25 13.16 -0.37
C LEU B 460 0.75 13.23 -0.64
N ALA B 461 0.30 14.34 -1.22
CA ALA B 461 -1.11 14.48 -1.57
C ALA B 461 -1.42 13.66 -2.81
N SER B 462 -2.41 12.78 -2.72
CA SER B 462 -2.78 11.90 -3.82
C SER B 462 -4.14 12.31 -4.38
N ASN B 463 -4.29 12.17 -5.70
CA ASN B 463 -5.54 12.49 -6.36
C ASN B 463 -6.63 11.45 -6.11
N ILE B 464 -6.27 10.24 -5.70
CA ILE B 464 -7.28 9.18 -5.61
C ILE B 464 -7.50 8.71 -4.18
N VAL B 465 -6.47 8.77 -3.33
CA VAL B 465 -6.67 8.41 -1.93
C VAL B 465 -6.59 9.67 -1.11
N GLY B 466 -6.80 9.54 0.20
CA GLY B 466 -7.05 10.70 1.02
C GLY B 466 -5.84 11.61 1.18
N GLU B 467 -5.89 12.50 2.15
CA GLU B 467 -4.75 13.37 2.38
C GLU B 467 -3.57 12.53 2.84
N PHE B 468 -2.60 12.42 1.94
CA PHE B 468 -1.27 11.84 2.15
C PHE B 468 -1.25 10.33 2.04
N GLN B 469 -0.89 9.88 0.85
CA GLN B 469 -0.24 8.61 0.67
C GLN B 469 1.16 8.79 1.21
N ILE B 470 1.48 8.05 2.27
CA ILE B 470 2.81 8.09 2.85
C ILE B 470 3.67 7.16 2.00
N LEU B 471 4.57 7.73 1.20
CA LEU B 471 5.32 6.99 0.20
C LEU B 471 6.76 6.81 0.64
N PRO B 472 7.26 5.58 0.72
CA PRO B 472 8.68 5.36 0.98
C PRO B 472 9.48 5.31 -0.32
N VAL B 473 10.22 6.36 -0.62
CA VAL B 473 10.98 6.46 -1.86
C VAL B 473 12.40 6.00 -1.56
N LEU B 474 12.79 4.87 -2.13
CA LEU B 474 14.14 4.34 -1.95
C LEU B 474 15.00 4.79 -3.12
N THR B 475 16.15 5.39 -2.82
CA THR B 475 17.10 5.80 -3.84
C THR B 475 18.49 5.31 -3.45
N ARG B 476 19.35 5.24 -4.46
CA ARG B 476 20.77 5.00 -4.28
C ARG B 476 21.47 6.36 -4.27
N LEU B 477 22.35 6.55 -3.29
CA LEU B 477 23.11 7.79 -3.17
C LEU B 477 24.52 7.55 -3.68
N THR B 478 24.94 8.34 -4.66
CA THR B 478 26.29 8.26 -5.21
C THR B 478 27.14 9.35 -4.59
N ILE B 479 28.26 8.97 -4.00
CA ILE B 479 29.14 9.87 -3.26
C ILE B 479 30.50 9.85 -3.94
N THR B 480 31.01 11.04 -4.28
CA THR B 480 32.31 11.17 -4.94
C THR B 480 33.10 12.28 -4.27
N GLY B 481 34.33 12.48 -4.74
CA GLY B 481 35.18 13.55 -4.26
C GLY B 481 35.02 14.83 -5.06
C1 NAG C . 3.58 -26.84 4.61
C2 NAG C . 4.11 -28.22 4.99
C3 NAG C . 3.75 -29.28 3.96
C4 NAG C . 2.26 -29.17 3.61
C5 NAG C . 1.92 -27.77 3.19
C6 NAG C . 0.45 -27.69 2.76
C7 NAG C . 6.14 -28.08 6.36
C8 NAG C . 5.27 -28.33 7.56
N2 NAG C . 5.55 -28.11 5.17
O3 NAG C . 4.08 -30.58 4.49
O4 NAG C . 1.81 -29.88 2.45
O5 NAG C . 2.20 -26.90 4.27
O6 NAG C . -0.38 -27.59 3.92
O7 NAG C . 7.34 -27.85 6.48
C1 NAG C . 1.28 -31.16 2.76
C2 NAG C . 1.44 -31.75 1.40
C3 NAG C . 1.32 -33.26 1.40
C4 NAG C . 2.33 -33.77 2.42
C5 NAG C . 2.02 -33.20 3.81
C6 NAG C . 2.96 -33.70 4.90
C7 NAG C . 0.79 -30.42 -0.56
C8 NAG C . -0.35 -29.69 -1.22
N2 NAG C . 0.46 -31.18 0.49
O3 NAG C . 1.69 -33.72 0.09
O4 NAG C . 2.42 -35.20 2.42
O5 NAG C . 2.08 -31.77 3.74
O6 NAG C . 2.24 -34.58 5.77
O7 NAG C . 1.93 -30.33 -0.95
C1 NAG D . -25.08 -27.30 -21.97
C2 NAG D . -26.33 -28.02 -21.48
C3 NAG D . -27.51 -27.68 -22.38
C4 NAG D . -27.66 -26.18 -22.60
C5 NAG D . -26.31 -25.57 -23.02
C6 NAG D . -26.38 -24.06 -23.17
C7 NAG D . -26.05 -30.20 -20.45
C8 NAG D . -25.76 -31.65 -20.69
N2 NAG D . -26.10 -29.44 -21.54
O3 NAG D . -28.70 -28.18 -21.77
O4 NAG D . -28.59 -25.99 -23.67
O5 NAG D . -25.31 -25.90 -22.04
O6 NAG D . -25.41 -23.64 -24.14
O7 NAG D . -26.23 -29.75 -19.32
C1 NAG D . -29.76 -25.25 -23.24
C2 NAG D . -30.55 -24.83 -24.47
C3 NAG D . -31.78 -24.04 -24.06
C4 NAG D . -32.61 -24.86 -23.09
C5 NAG D . -31.75 -25.32 -21.91
C6 NAG D . -32.58 -26.22 -20.99
C7 NAG D . -29.16 -24.52 -26.46
C8 NAG D . -28.36 -23.56 -27.28
N2 NAG D . -29.73 -24.02 -25.37
O3 NAG D . -32.56 -23.76 -25.23
O4 NAG D . -33.71 -24.06 -22.61
O5 NAG D . -30.61 -26.03 -22.39
O6 NAG D . -32.39 -27.59 -21.39
O7 NAG D . -29.29 -25.70 -26.77
C2 BGC E . -3.37 -1.67 -30.43
C3 BGC E . -2.78 -2.02 -29.12
C4 BGC E . -3.54 -3.11 -28.43
C5 BGC E . -3.71 -4.34 -29.32
C6 BGC E . -4.59 -5.40 -28.68
C1 BGC E . -3.52 -2.90 -31.31
O1 BGC E . -4.15 -2.55 -32.46
O2 BGC E . -2.51 -0.71 -31.09
O3 BGC E . -2.74 -0.82 -28.27
O4 BGC E . -2.76 -3.47 -27.28
O5 BGC E . -4.30 -3.99 -30.63
O6 BGC E . -5.81 -4.82 -28.29
C1 GAL E . -3.58 -3.42 -26.10
C2 GAL E . -2.85 -4.23 -24.99
C3 GAL E . -3.60 -4.17 -23.71
C4 GAL E . -3.72 -2.69 -23.32
C5 GAL E . -4.55 -2.01 -24.37
C6 GAL E . -4.87 -0.53 -24.08
O2 GAL E . -2.71 -5.61 -25.36
O3 GAL E . -2.94 -4.89 -22.66
O4 GAL E . -2.44 -2.19 -23.22
O5 GAL E . -3.87 -2.08 -25.65
O6 GAL E . -5.67 0.02 -25.10
C1 SIA E . -4.81 -4.92 -21.29
C2 SIA E . -3.53 -5.73 -21.74
C3 SIA E . -2.60 -6.14 -20.59
C4 SIA E . -2.06 -7.58 -20.51
C5 SIA E . -2.17 -8.28 -21.86
C6 SIA E . -3.63 -8.19 -22.35
C7 SIA E . -3.80 -8.88 -23.73
C8 SIA E . -5.30 -9.00 -24.10
C9 SIA E . -5.48 -9.65 -25.46
C10 SIA E . -0.79 -10.25 -22.49
C11 SIA E . -0.58 -11.75 -22.25
N5 SIA E . -1.79 -9.68 -21.76
O1A SIA E . -5.92 -5.19 -21.80
O1B SIA E . -4.52 -4.04 -20.44
O4 SIA E . -0.68 -7.61 -20.10
O6 SIA E . -4.00 -6.84 -22.60
O7 SIA E . -3.04 -8.17 -24.71
O8 SIA E . -6.00 -9.70 -23.08
O9 SIA E . -5.08 -11.02 -25.40
O10 SIA E . -0.09 -9.63 -23.30
C1 NAG E . -2.10 -1.68 -21.94
C2 NAG E . -0.64 -1.27 -22.04
C3 NAG E . -0.23 -0.31 -20.94
C4 NAG E . -1.19 0.87 -21.01
C5 NAG E . -2.54 0.29 -20.61
C6 NAG E . -3.61 1.33 -20.34
C7 NAG E . 0.64 -3.05 -23.13
C8 NAG E . 1.18 -4.45 -22.95
N2 NAG E . 0.20 -2.46 -22.01
O3 NAG E . 1.13 0.11 -21.11
O4 NAG E . -0.79 1.90 -20.11
O5 NAG E . -2.95 -0.55 -21.70
O6 NAG E . -4.77 0.67 -19.80
O7 NAG E . 0.59 -2.49 -24.21
C1 NAG F . 6.79 -13.44 23.02
C2 NAG F . 6.66 -14.32 24.26
C3 NAG F . 6.97 -13.56 25.54
C4 NAG F . 8.27 -12.77 25.42
C5 NAG F . 8.21 -11.91 24.17
C6 NAG F . 9.49 -11.10 24.02
C7 NAG F . 5.00 -16.11 24.03
C8 NAG F . 3.54 -16.46 24.08
N2 NAG F . 5.31 -14.84 24.34
O3 NAG F . 7.09 -14.54 26.59
O4 NAG F . 8.38 -11.83 26.49
O5 NAG F . 8.04 -12.74 23.03
O6 NAG F . 10.50 -11.92 23.42
O7 NAG F . 5.86 -16.94 23.74
C1 NAG F . 9.24 -12.31 27.52
C2 NAG F . 9.53 -11.13 28.44
C3 NAG F . 10.36 -11.54 29.64
C4 NAG F . 9.55 -12.61 30.36
C5 NAG F . 9.24 -13.79 29.46
C6 NAG F . 8.03 -14.45 30.12
C7 NAG F . 9.27 -8.94 27.58
C8 NAG F . 9.87 -7.70 26.98
N2 NAG F . 10.05 -10.01 27.68
O3 NAG F . 10.52 -10.41 30.52
O4 NAG F . 10.32 -13.06 31.49
O5 NAG F . 8.62 -13.35 28.28
O6 NAG F . 8.30 -15.80 30.52
O7 NAG F . 8.11 -8.97 27.96
C1 NAG G . 27.17 19.60 27.07
C2 NAG G . 28.68 19.41 27.22
C3 NAG G . 29.38 20.77 27.11
C4 NAG G . 28.92 21.53 25.88
C5 NAG G . 27.39 21.57 25.79
C6 NAG G . 26.94 22.26 24.50
C7 NAG G . 29.48 17.60 28.61
C8 NAG G . 29.73 17.12 30.01
N2 NAG G . 28.96 18.82 28.51
O3 NAG G . 30.79 20.54 27.05
O4 NAG G . 29.39 22.88 25.97
O5 NAG G . 26.87 20.24 25.82
O6 NAG G . 25.64 22.84 24.71
O7 NAG G . 29.74 16.91 27.63
C1 NAG G . 30.44 23.07 25.00
C2 NAG G . 30.70 24.56 24.84
C3 NAG G . 31.82 24.78 23.84
C4 NAG G . 33.05 24.01 24.28
C5 NAG G . 32.72 22.54 24.50
C6 NAG G . 33.91 21.76 25.04
C7 NAG G . 28.74 25.93 25.29
C8 NAG G . 27.53 26.61 24.70
N2 NAG G . 29.48 25.24 24.42
O3 NAG G . 32.13 26.18 23.75
O4 NAG G . 34.08 24.10 23.26
O5 NAG G . 31.63 22.42 25.43
O6 NAG G . 33.81 21.72 26.48
O7 NAG G . 29.02 26.02 26.46
C2 BGC H . -3.26 27.80 12.81
C3 BGC H . -3.42 26.34 12.70
C4 BGC H . -2.22 25.58 13.20
C5 BGC H . -1.78 26.02 14.61
C6 BGC H . -0.46 25.42 15.01
C1 BGC H . -2.85 28.22 14.23
O1 BGC H . -2.61 29.56 14.25
O2 BGC H . -4.51 28.42 12.48
O3 BGC H . -3.64 26.01 11.30
O4 BGC H . -2.61 24.20 13.21
O5 BGC H . -1.62 27.49 14.70
O6 BGC H . 0.48 25.65 14.00
C1 GAL H . -1.59 23.43 12.55
C2 GAL H . -1.76 21.95 13.00
C3 GAL H . -0.78 21.08 12.28
C4 GAL H . -1.06 21.22 10.78
C5 GAL H . -0.76 22.66 10.42
C6 GAL H . -0.88 22.99 8.93
O2 GAL H . -1.54 21.79 14.39
O3 GAL H . -0.94 19.72 12.66
O4 GAL H . -2.36 20.81 10.62
O5 GAL H . -1.66 23.53 11.11
O6 GAL H . -0.55 24.33 8.70
C1 SIA H . 1.16 19.09 11.65
C2 SIA H . 0.14 18.89 12.85
C3 SIA H . -0.46 17.47 12.97
C4 SIA H . -0.29 16.71 14.27
C5 SIA H . -0.26 17.69 15.45
C6 SIA H . 0.92 18.68 15.24
C7 SIA H . 0.98 19.74 16.36
C8 SIA H . 2.29 20.56 16.31
C9 SIA H . 2.36 21.56 17.45
C10 SIA H . -0.95 17.15 17.79
C11 SIA H . -0.55 16.37 19.05
N5 SIA H . -0.09 17.03 16.73
O1A SIA H . 0.76 18.54 10.60
O1B SIA H . 2.19 19.78 11.87
O4 SIA H . -1.36 15.76 14.49
O6 SIA H . 0.74 19.45 14.07
O7 SIA H . -0.17 20.58 16.28
O8 SIA H . 3.43 19.68 16.31
O9 SIA H . 2.46 20.86 18.69
O10 SIA H . -1.98 17.82 17.77
C1 NAG H . -2.56 19.76 9.68
C2 NAG H . -4.05 19.47 9.71
C3 NAG H . -4.50 18.66 8.50
C4 NAG H . -4.07 19.42 7.27
C5 NAG H . -2.54 19.39 7.30
C6 NAG H . -1.88 19.84 6.01
C7 NAG H . -4.81 19.46 12.01
C8 NAG H . -4.83 18.70 13.32
N2 NAG H . -4.38 18.79 10.96
O3 NAG H . -5.92 18.46 8.53
O4 NAG H . -4.58 18.82 6.08
O5 NAG H . -2.13 20.21 8.39
O6 NAG H . -0.47 19.58 6.08
O7 NAG H . -5.18 20.63 11.94
C1 NAG I . -21.55 -26.40 -33.49
C2 NAG I . -21.78 -27.91 -33.50
C3 NAG I . -21.75 -28.43 -34.93
C4 NAG I . -22.73 -27.65 -35.80
C5 NAG I . -22.45 -26.16 -35.69
C6 NAG I . -23.49 -25.36 -36.46
C7 NAG I . -20.94 -28.73 -31.37
C8 NAG I . -19.83 -29.44 -30.65
N2 NAG I . -20.78 -28.58 -32.68
O3 NAG I . -22.10 -29.81 -34.95
O4 NAG I . -22.61 -28.07 -37.15
O5 NAG I . -22.52 -25.76 -34.33
O6 NAG I . -23.17 -23.97 -36.40
O7 NAG I . -21.93 -28.32 -30.78
C1 NAG J . -21.65 8.05 -17.73
C2 NAG J . -22.94 7.49 -17.12
C3 NAG J . -24.11 8.37 -17.54
C4 NAG J . -23.85 9.84 -17.19
C5 NAG J . -22.50 10.29 -17.76
C6 NAG J . -22.16 11.69 -17.25
C7 NAG J . -22.73 5.06 -16.97
C8 NAG J . -23.05 3.74 -17.61
N2 NAG J . -23.19 6.14 -17.60
O3 NAG J . -25.29 7.93 -16.86
O4 NAG J . -24.90 10.67 -17.71
O5 NAG J . -21.48 9.41 -17.31
O6 NAG J . -21.60 12.42 -18.35
O7 NAG J . -22.08 5.13 -15.93
S SO4 K . -16.18 -6.45 17.17
O1 SO4 K . -15.00 -7.12 16.63
O2 SO4 K . -17.38 -7.17 16.77
O3 SO4 K . -16.11 -6.42 18.62
O4 SO4 K . -16.23 -5.08 16.66
C1 NAG L . 20.89 28.90 31.73
C2 NAG L . 21.62 28.42 32.97
C3 NAG L . 21.44 29.41 34.11
C4 NAG L . 21.85 30.80 33.66
C5 NAG L . 21.09 31.19 32.40
C6 NAG L . 21.52 32.56 31.89
C7 NAG L . 21.62 25.99 32.88
C8 NAG L . 21.03 24.72 33.42
N2 NAG L . 21.14 27.12 33.39
O3 NAG L . 22.23 29.02 35.24
O4 NAG L . 21.58 31.75 34.71
O5 NAG L . 21.34 30.22 31.38
O6 NAG L . 20.71 32.91 30.77
O7 NAG L . 22.48 25.99 32.02
C1 NAG M . 12.84 25.47 -5.29
C2 NAG M . 14.35 25.22 -5.35
C3 NAG M . 15.00 26.36 -6.13
C4 NAG M . 14.34 26.53 -7.49
C5 NAG M . 12.83 26.65 -7.37
C6 NAG M . 12.18 26.59 -8.74
C7 NAG M . 15.01 24.00 -3.35
C8 NAG M . 15.65 24.08 -1.99
N2 NAG M . 14.91 25.15 -4.02
O3 NAG M . 16.39 26.07 -6.31
O4 NAG M . 14.85 27.71 -8.12
O5 NAG M . 12.33 25.55 -6.62
O6 NAG M . 11.11 27.55 -8.81
O7 NAG M . 14.61 22.95 -3.81
S SO4 N . 24.90 37.16 19.74
O1 SO4 N . 25.80 38.30 19.58
O2 SO4 N . 24.97 36.33 18.54
O3 SO4 N . 25.32 36.38 20.91
O4 SO4 N . 23.53 37.61 19.95
#